data_5LDD
#
_entry.id   5LDD
#
_cell.length_a   70.083
_cell.length_b   103.812
_cell.length_c   206.667
_cell.angle_alpha   90.00
_cell.angle_beta   90.00
_cell.angle_gamma   90.00
#
_symmetry.space_group_name_H-M   'P 21 21 21'
#
loop_
_entity.id
_entity.type
_entity.pdbx_description
1 polymer Mon1
2 polymer Ccz1
3 polymer 'Rab small monomeric GTPase-like protein'
4 non-polymer 'SULFATE ION'
5 water water
#
loop_
_entity_poly.entity_id
_entity_poly.type
_entity_poly.pdbx_seq_one_letter_code
_entity_poly.pdbx_strand_id
1 'polypeptide(L)'
;GPLGSMEGFERELDNIPDTLPDDERLALWKGKLKHYLILSSAGKPIWSRHGDLSLVNSTMGVVQTIISFYEGARNPLLGF
TAGKVRFVILIKGPLYFVAISRLRESDAQLRAQLEALYMQILSTLTLPILTNIFAHRPSTDLRGPLQGTESLLASLADSF
TKGSPS
;
A,D
2 'polypeptide(L)'
;SMTTPVSPSPSGIIPAQLGFLAIYNPALGTTDETLEDQIVYYATASTLSQARRRHRRPRRRDRQRAQSVVKDSRPNAAGA
TGDSEAVAEDKDPVSKEERHERLRQIGLAQGMVEFAKSFSDGEPVDTIDTEKARVILVEVEEGWWILASIDLTRLPLPQI
KTPTSSSAPPPAPNLNPLPPEPAYEYSSREVKPPSLLRADLLRAYDLFLLHHGSSLSSLLASQGRAQLVASLTRFWDHFL
ATWNVLLHGN
;
B,E
3 'polypeptide(L)'
;GSMSSRKKVLLKVIILGDSGVGKTSLMNQYVNKKFSASYKATIGADFLTREVMVDDRQVTMQLWDTAGQERFQSLGVAFY
RGADCCVLVFDVNNAKSFDALDSWRDEFLIQASPRDPENFPFVVLGIKIDVEESKRVISTKRAQTFCQSKGGIPYFETSA
KEAINVEEAFQVIARNALMQEESEEFSGDFQDPINIHIENERDGCAC
;
C,F
#
loop_
_chem_comp.id
_chem_comp.type
_chem_comp.name
_chem_comp.formula
SO4 non-polymer 'SULFATE ION' 'O4 S -2'
#
# COMPACT_ATOMS: atom_id res chain seq x y z
N GLU A 10 -35.73 -8.75 15.05
CA GLU A 10 -35.56 -7.38 15.51
C GLU A 10 -35.19 -7.30 17.00
N ARG A 11 -35.94 -8.00 17.84
CA ARG A 11 -35.70 -7.96 19.28
C ARG A 11 -34.62 -8.96 19.68
N GLU A 12 -34.08 -8.78 20.91
CA GLU A 12 -32.89 -9.51 21.30
C GLU A 12 -33.11 -11.02 21.26
N LEU A 13 -34.24 -11.49 21.76
CA LEU A 13 -34.48 -12.93 21.85
C LEU A 13 -35.20 -13.49 20.63
N ASP A 14 -35.46 -12.68 19.60
CA ASP A 14 -36.02 -13.18 18.36
C ASP A 14 -34.97 -13.99 17.60
N ASN A 15 -35.43 -15.05 16.95
CA ASN A 15 -34.55 -15.85 16.10
C ASN A 15 -34.25 -15.10 14.82
N ILE A 16 -33.02 -15.22 14.33
CA ILE A 16 -32.64 -14.55 13.08
C ILE A 16 -33.28 -15.28 11.92
N PRO A 17 -34.08 -14.58 11.09
CA PRO A 17 -34.82 -15.28 10.02
C PRO A 17 -33.89 -15.85 8.96
N ASP A 18 -34.23 -17.05 8.50
CA ASP A 18 -33.45 -17.69 7.44
C ASP A 18 -33.77 -17.13 6.07
N THR A 19 -34.99 -16.61 5.89
CA THR A 19 -35.42 -16.12 4.58
C THR A 19 -34.81 -14.77 4.22
N LEU A 20 -34.34 -14.02 5.21
CA LEU A 20 -33.75 -12.71 4.95
C LEU A 20 -32.47 -12.85 4.14
N PRO A 21 -32.06 -11.80 3.44
CA PRO A 21 -30.77 -11.83 2.74
C PRO A 21 -29.62 -11.95 3.74
N ASP A 22 -28.49 -12.45 3.25
CA ASP A 22 -27.38 -12.77 4.15
C ASP A 22 -26.81 -11.52 4.80
N ASP A 23 -26.93 -10.37 4.15
CA ASP A 23 -26.42 -9.13 4.72
C ASP A 23 -27.16 -8.75 5.98
N GLU A 24 -28.50 -8.80 5.94
CA GLU A 24 -29.29 -8.45 7.11
C GLU A 24 -29.08 -9.45 8.23
N ARG A 25 -29.04 -10.74 7.89
CA ARG A 25 -28.84 -11.76 8.92
C ARG A 25 -27.55 -11.53 9.67
N LEU A 26 -26.45 -11.30 8.94
CA LEU A 26 -25.20 -11.01 9.61
C LEU A 26 -25.28 -9.69 10.36
N ALA A 27 -26.04 -8.72 9.85
CA ALA A 27 -26.23 -7.48 10.57
C ALA A 27 -27.01 -7.70 11.87
N LEU A 28 -28.12 -8.45 11.78
CA LEU A 28 -28.88 -8.76 12.99
C LEU A 28 -28.05 -9.53 14.00
N TRP A 29 -27.23 -10.48 13.52
CA TRP A 29 -26.42 -11.27 14.43
C TRP A 29 -25.41 -10.40 15.17
N LYS A 30 -24.66 -9.57 14.43
CA LYS A 30 -23.66 -8.70 15.04
C LYS A 30 -24.28 -7.68 16.00
N GLY A 31 -25.56 -7.35 15.84
CA GLY A 31 -26.18 -6.37 16.70
C GLY A 31 -26.73 -6.89 18.01
N LYS A 32 -26.80 -8.21 18.19
CA LYS A 32 -27.32 -8.78 19.42
C LYS A 32 -26.53 -8.25 20.62
N LEU A 33 -27.21 -8.16 21.76
CA LEU A 33 -26.51 -7.64 22.95
C LEU A 33 -25.62 -8.70 23.57
N LYS A 34 -25.99 -9.97 23.43
CA LYS A 34 -25.34 -11.07 24.13
C LYS A 34 -25.20 -12.27 23.18
N HIS A 35 -23.98 -12.76 23.05
CA HIS A 35 -23.70 -13.95 22.27
C HIS A 35 -23.11 -15.02 23.17
N TYR A 36 -23.41 -16.27 22.86
CA TYR A 36 -22.79 -17.41 23.51
C TYR A 36 -22.26 -18.32 22.41
N LEU A 37 -20.96 -18.57 22.42
CA LEU A 37 -20.31 -19.34 21.37
C LEU A 37 -19.60 -20.54 21.99
N ILE A 38 -19.85 -21.72 21.43
CA ILE A 38 -19.18 -22.95 21.83
C ILE A 38 -18.57 -23.56 20.57
N LEU A 39 -17.26 -23.78 20.59
CA LEU A 39 -16.57 -24.33 19.43
C LEU A 39 -15.51 -25.33 19.90
N SER A 40 -15.15 -26.25 19.02
CA SER A 40 -14.12 -27.20 19.36
C SER A 40 -12.74 -26.54 19.18
N SER A 41 -11.72 -27.21 19.71
CA SER A 41 -10.36 -26.71 19.52
C SER A 41 -9.91 -26.74 18.06
N ALA A 42 -10.67 -27.40 17.18
CA ALA A 42 -10.43 -27.35 15.75
C ALA A 42 -11.06 -26.13 15.08
N GLY A 43 -11.86 -25.35 15.80
CA GLY A 43 -12.57 -24.24 15.22
C GLY A 43 -13.94 -24.61 14.69
N LYS A 44 -14.36 -25.86 14.82
CA LYS A 44 -15.66 -26.28 14.32
C LYS A 44 -16.77 -25.85 15.27
N PRO A 45 -17.80 -25.16 14.78
CA PRO A 45 -18.86 -24.69 15.67
C PRO A 45 -19.62 -25.85 16.29
N ILE A 46 -19.94 -25.70 17.57
CA ILE A 46 -20.75 -26.66 18.31
C ILE A 46 -22.13 -26.10 18.60
N TRP A 47 -22.19 -24.88 19.16
CA TRP A 47 -23.48 -24.26 19.44
C TRP A 47 -23.31 -22.75 19.51
N SER A 48 -24.34 -22.06 19.05
CA SER A 48 -24.42 -20.62 19.12
C SER A 48 -25.84 -20.24 19.52
N ARG A 49 -25.96 -19.30 20.46
CA ARG A 49 -27.28 -18.85 20.86
C ARG A 49 -28.03 -18.24 19.68
N HIS A 50 -27.34 -17.50 18.83
CA HIS A 50 -27.94 -16.89 17.66
C HIS A 50 -27.20 -17.34 16.41
N GLY A 51 -27.93 -17.41 15.30
CA GLY A 51 -27.33 -17.73 14.02
C GLY A 51 -27.25 -19.22 13.74
N ASP A 52 -27.10 -19.53 12.47
CA ASP A 52 -27.05 -20.89 11.96
C ASP A 52 -25.61 -21.26 11.57
N LEU A 53 -25.44 -22.51 11.12
CA LEU A 53 -24.12 -23.02 10.78
C LEU A 53 -23.47 -22.21 9.67
N SER A 54 -24.24 -21.86 8.64
CA SER A 54 -23.67 -21.17 7.50
C SER A 54 -23.18 -19.78 7.88
N LEU A 55 -23.77 -19.17 8.90
CA LEU A 55 -23.51 -17.78 9.24
C LEU A 55 -22.40 -17.59 10.26
N VAL A 56 -22.23 -18.51 11.22
CA VAL A 56 -21.30 -18.27 12.30
C VAL A 56 -19.94 -18.93 12.11
N ASN A 57 -19.79 -19.84 11.13
CA ASN A 57 -18.58 -20.67 11.14
C ASN A 57 -17.33 -19.84 10.88
N SER A 58 -17.41 -18.79 10.06
CA SER A 58 -16.21 -17.97 9.84
C SER A 58 -15.81 -17.24 11.13
N THR A 59 -16.79 -16.75 11.89
CA THR A 59 -16.49 -16.15 13.19
C THR A 59 -15.82 -17.16 14.11
N MET A 60 -16.27 -18.43 14.05
CA MET A 60 -15.65 -19.44 14.89
C MET A 60 -14.17 -19.60 14.58
N GLY A 61 -13.82 -19.64 13.29
CA GLY A 61 -12.43 -19.78 12.91
C GLY A 61 -11.57 -18.62 13.39
N VAL A 62 -12.10 -17.40 13.29
CA VAL A 62 -11.38 -16.23 13.80
C VAL A 62 -11.12 -16.37 15.28
N VAL A 63 -12.13 -16.82 16.03
CA VAL A 63 -12.04 -16.96 17.48
C VAL A 63 -11.03 -18.05 17.85
N GLN A 64 -11.10 -19.20 17.17
CA GLN A 64 -10.15 -20.27 17.45
C GLN A 64 -8.72 -19.82 17.16
N THR A 65 -8.53 -19.02 16.10
CA THR A 65 -7.18 -18.57 15.77
C THR A 65 -6.64 -17.60 16.81
N ILE A 66 -7.46 -16.64 17.24
CA ILE A 66 -7.04 -15.69 18.26
C ILE A 66 -6.67 -16.41 19.54
N ILE A 67 -7.51 -17.36 19.94
CA ILE A 67 -7.21 -18.15 21.13
C ILE A 67 -5.92 -18.95 20.93
N SER A 68 -5.69 -19.42 19.70
CA SER A 68 -4.53 -20.28 19.44
C SER A 68 -3.22 -19.51 19.51
N PHE A 69 -3.23 -18.21 19.18
CA PHE A 69 -2.02 -17.42 19.32
C PHE A 69 -1.54 -17.43 20.77
N TYR A 70 -2.49 -17.25 21.70
CA TYR A 70 -2.11 -17.22 23.11
C TYR A 70 -1.81 -18.62 23.64
N GLU A 71 -2.46 -19.65 23.13
CA GLU A 71 -2.06 -21.01 23.46
C GLU A 71 -0.64 -21.27 23.00
N GLY A 72 -0.33 -20.87 21.76
CA GLY A 72 1.01 -21.05 21.24
C GLY A 72 2.05 -20.29 22.05
N ALA A 73 1.68 -19.14 22.60
CA ALA A 73 2.59 -18.39 23.44
C ALA A 73 2.66 -18.93 24.85
N ARG A 74 1.95 -20.02 25.15
CA ARG A 74 1.89 -20.58 26.50
C ARG A 74 1.38 -19.54 27.50
N ASN A 75 0.45 -18.69 27.03
CA ASN A 75 -0.12 -17.61 27.84
C ASN A 75 -1.61 -17.48 27.53
N PRO A 76 -2.45 -18.32 28.15
CA PRO A 76 -3.86 -18.40 27.74
C PRO A 76 -4.62 -17.08 27.81
N LEU A 77 -5.56 -16.93 26.88
CA LEU A 77 -6.37 -15.72 26.76
C LEU A 77 -7.60 -15.84 27.64
N LEU A 78 -7.77 -14.89 28.56
CA LEU A 78 -8.91 -14.86 29.47
C LEU A 78 -10.05 -14.00 28.98
N GLY A 79 -9.77 -12.90 28.30
CA GLY A 79 -10.83 -12.05 27.79
C GLY A 79 -10.27 -10.72 27.36
N PHE A 80 -11.14 -9.92 26.76
CA PHE A 80 -10.73 -8.59 26.33
C PHE A 80 -11.96 -7.69 26.21
N THR A 81 -11.71 -6.38 26.07
CA THR A 81 -12.73 -5.36 26.13
C THR A 81 -12.58 -4.40 24.96
N ALA A 82 -13.70 -4.06 24.33
CA ALA A 82 -13.70 -3.11 23.23
C ALA A 82 -14.89 -2.19 23.43
N GLY A 83 -14.64 -0.95 23.85
CA GLY A 83 -15.76 -0.05 24.03
C GLY A 83 -16.69 -0.58 25.11
N LYS A 84 -17.98 -0.68 24.78
CA LYS A 84 -18.98 -1.17 25.71
C LYS A 84 -19.20 -2.67 25.62
N VAL A 85 -18.27 -3.42 25.03
CA VAL A 85 -18.42 -4.86 24.84
C VAL A 85 -17.32 -5.63 25.57
N ARG A 86 -17.71 -6.70 26.24
CA ARG A 86 -16.78 -7.56 26.94
C ARG A 86 -16.79 -8.96 26.32
N PHE A 87 -15.60 -9.50 26.12
CA PHE A 87 -15.39 -10.86 25.64
C PHE A 87 -14.75 -11.67 26.74
N VAL A 88 -15.29 -12.84 27.00
CA VAL A 88 -14.77 -13.75 28.01
C VAL A 88 -14.55 -15.10 27.35
N ILE A 89 -13.38 -15.69 27.61
CA ILE A 89 -12.98 -16.98 27.05
C ILE A 89 -12.93 -17.99 28.18
N LEU A 90 -13.50 -19.16 27.95
CA LEU A 90 -13.36 -20.28 28.88
C LEU A 90 -12.95 -21.49 28.08
N ILE A 91 -11.84 -22.12 28.48
CA ILE A 91 -11.32 -23.29 27.77
C ILE A 91 -11.45 -24.50 28.70
N LYS A 92 -12.11 -25.55 28.21
CA LYS A 92 -12.26 -26.81 28.92
C LYS A 92 -11.82 -27.91 27.96
N GLY A 93 -10.53 -28.24 27.99
CA GLY A 93 -9.98 -29.22 27.09
C GLY A 93 -10.15 -28.82 25.64
N PRO A 94 -10.79 -29.70 24.86
CA PRO A 94 -11.02 -29.41 23.44
C PRO A 94 -12.18 -28.46 23.17
N LEU A 95 -12.88 -28.00 24.19
CA LEU A 95 -14.05 -27.15 24.01
C LEU A 95 -13.68 -25.72 24.36
N TYR A 96 -13.99 -24.80 23.45
CA TYR A 96 -13.75 -23.37 23.66
C TYR A 96 -15.09 -22.68 23.85
N PHE A 97 -15.22 -21.95 24.96
CA PHE A 97 -16.42 -21.20 25.29
C PHE A 97 -16.12 -19.72 25.21
N VAL A 98 -16.99 -18.97 24.55
CA VAL A 98 -16.84 -17.53 24.41
C VAL A 98 -18.18 -16.87 24.73
N ALA A 99 -18.15 -15.86 25.58
CA ALA A 99 -19.30 -15.02 25.84
C ALA A 99 -18.95 -13.61 25.38
N ILE A 100 -19.88 -12.97 24.67
CA ILE A 100 -19.70 -11.61 24.17
C ILE A 100 -20.90 -10.80 24.61
N SER A 101 -20.67 -9.77 25.42
CA SER A 101 -21.76 -9.10 26.11
C SER A 101 -21.62 -7.59 26.00
N ARG A 102 -22.69 -6.95 25.57
CA ARG A 102 -22.84 -5.50 25.62
C ARG A 102 -23.60 -5.04 26.86
N LEU A 103 -24.07 -5.98 27.67
CA LEU A 103 -24.68 -5.66 28.95
C LEU A 103 -23.58 -5.38 29.97
N ARG A 104 -23.97 -4.79 31.09
CA ARG A 104 -23.01 -4.49 32.15
C ARG A 104 -22.83 -5.74 33.01
N GLU A 105 -22.04 -6.67 32.49
CA GLU A 105 -21.77 -7.94 33.16
C GLU A 105 -20.28 -8.06 33.41
N SER A 106 -19.92 -8.44 34.63
CA SER A 106 -18.52 -8.56 34.99
C SER A 106 -17.92 -9.82 34.35
N ASP A 107 -16.59 -9.86 34.33
CA ASP A 107 -15.91 -11.05 33.83
C ASP A 107 -16.28 -12.29 34.64
N ALA A 108 -16.42 -12.14 35.97
CA ALA A 108 -16.76 -13.29 36.81
C ALA A 108 -18.18 -13.79 36.52
N GLN A 109 -19.11 -12.89 36.23
CA GLN A 109 -20.45 -13.33 35.89
C GLN A 109 -20.47 -14.07 34.56
N LEU A 110 -19.72 -13.56 33.58
CA LEU A 110 -19.68 -14.22 32.28
C LEU A 110 -19.01 -15.57 32.38
N ARG A 111 -17.90 -15.65 33.13
CA ARG A 111 -17.19 -16.91 33.27
C ARG A 111 -18.08 -17.96 33.96
N ALA A 112 -18.87 -17.52 34.94
CA ALA A 112 -19.78 -18.46 35.60
C ALA A 112 -20.87 -18.94 34.63
N GLN A 113 -21.34 -18.05 33.75
CA GLN A 113 -22.35 -18.46 32.78
C GLN A 113 -21.79 -19.49 31.80
N LEU A 114 -20.55 -19.29 31.36
CA LEU A 114 -19.94 -20.27 30.48
C LEU A 114 -19.73 -21.59 31.21
N GLU A 115 -19.34 -21.54 32.48
CA GLU A 115 -19.21 -22.76 33.28
C GLU A 115 -20.53 -23.53 33.36
N ALA A 116 -21.65 -22.81 33.49
CA ALA A 116 -22.94 -23.48 33.55
C ALA A 116 -23.30 -24.15 32.24
N LEU A 117 -23.06 -23.46 31.11
CA LEU A 117 -23.31 -24.07 29.80
C LEU A 117 -22.45 -25.30 29.60
N TYR A 118 -21.23 -25.28 30.13
CA TYR A 118 -20.35 -26.43 30.04
C TYR A 118 -20.94 -27.62 30.78
N MET A 119 -21.56 -27.37 31.94
CA MET A 119 -22.16 -28.46 32.70
C MET A 119 -23.37 -29.03 31.99
N GLN A 120 -24.14 -28.19 31.28
CA GLN A 120 -25.25 -28.70 30.49
C GLN A 120 -24.74 -29.59 29.36
N ILE A 121 -23.68 -29.15 28.66
CA ILE A 121 -23.04 -30.01 27.65
C ILE A 121 -22.54 -31.29 28.29
N LEU A 122 -22.03 -31.18 29.51
CA LEU A 122 -21.41 -32.32 30.19
C LEU A 122 -22.40 -33.45 30.42
N SER A 123 -23.54 -33.15 31.03
CA SER A 123 -24.51 -34.19 31.35
C SER A 123 -24.95 -34.91 30.10
N THR A 124 -25.12 -34.18 29.00
CA THR A 124 -25.60 -34.81 27.78
C THR A 124 -24.55 -35.74 27.17
N LEU A 125 -23.28 -35.35 27.20
CA LEU A 125 -22.27 -36.14 26.49
C LEU A 125 -21.75 -37.31 27.33
N THR A 126 -21.58 -37.11 28.65
CA THR A 126 -20.79 -38.06 29.43
C THR A 126 -21.50 -39.40 29.58
N LEU A 127 -22.78 -39.39 29.92
CA LEU A 127 -23.47 -40.64 30.18
C LEU A 127 -23.44 -41.60 28.98
N PRO A 128 -23.63 -41.15 27.74
CA PRO A 128 -23.45 -42.09 26.61
C PRO A 128 -22.03 -42.59 26.46
N ILE A 129 -21.02 -41.73 26.60
CA ILE A 129 -19.67 -42.24 26.39
C ILE A 129 -19.24 -43.11 27.56
N LEU A 130 -19.69 -42.78 28.77
CA LEU A 130 -19.41 -43.63 29.92
C LEU A 130 -20.08 -44.99 29.79
N THR A 131 -21.32 -45.02 29.28
CA THR A 131 -21.98 -46.29 29.02
C THR A 131 -21.23 -47.08 27.95
N ASN A 132 -20.80 -46.39 26.89
CA ASN A 132 -20.08 -47.09 25.84
C ASN A 132 -18.78 -47.66 26.36
N ILE A 133 -18.09 -46.93 27.24
CA ILE A 133 -16.83 -47.44 27.82
C ILE A 133 -17.11 -48.69 28.64
N PHE A 134 -18.10 -48.63 29.55
CA PHE A 134 -18.40 -49.81 30.37
C PHE A 134 -18.94 -50.97 29.55
N ALA A 135 -19.45 -50.71 28.34
CA ALA A 135 -19.90 -51.80 27.49
C ALA A 135 -18.71 -52.60 26.95
N HIS A 136 -17.62 -51.91 26.60
CA HIS A 136 -16.44 -52.60 26.09
C HIS A 136 -15.56 -53.14 27.21
N ARG A 137 -15.56 -52.49 28.37
CA ARG A 137 -14.77 -52.92 29.53
C ARG A 137 -15.66 -52.90 30.75
N PRO A 138 -16.44 -53.96 30.99
CA PRO A 138 -17.36 -53.95 32.15
C PRO A 138 -16.67 -53.89 33.50
N SER A 139 -15.37 -54.19 33.56
CA SER A 139 -14.62 -54.24 34.81
C SER A 139 -13.94 -52.91 35.16
N THR A 140 -14.32 -51.83 34.49
CA THR A 140 -13.65 -50.55 34.67
C THR A 140 -13.76 -50.09 36.12
N ASP A 141 -12.60 -49.75 36.72
CA ASP A 141 -12.53 -49.25 38.09
C ASP A 141 -12.24 -47.75 38.03
N LEU A 142 -13.24 -46.94 38.39
CA LEU A 142 -13.15 -45.49 38.32
C LEU A 142 -12.51 -44.85 39.54
N ARG A 143 -12.06 -45.65 40.52
CA ARG A 143 -11.46 -45.04 41.71
C ARG A 143 -10.19 -44.29 41.37
N GLY A 144 -9.40 -44.77 40.42
CA GLY A 144 -8.19 -44.09 40.00
C GLY A 144 -8.45 -42.70 39.46
N PRO A 145 -9.16 -42.60 38.34
CA PRO A 145 -9.44 -41.28 37.76
C PRO A 145 -10.29 -40.36 38.63
N LEU A 146 -10.87 -40.86 39.72
CA LEU A 146 -11.60 -40.01 40.65
C LEU A 146 -10.79 -39.62 41.89
N GLN A 147 -9.55 -40.10 41.99
CA GLN A 147 -8.70 -39.77 43.13
C GLN A 147 -8.45 -38.27 43.20
N GLY A 148 -8.53 -37.72 44.41
CA GLY A 148 -8.42 -36.30 44.63
C GLY A 148 -9.75 -35.58 44.70
N THR A 149 -10.80 -36.15 44.09
CA THR A 149 -12.14 -35.58 44.17
C THR A 149 -12.90 -36.05 45.41
N GLU A 150 -12.35 -37.02 46.15
CA GLU A 150 -13.05 -37.53 47.33
C GLU A 150 -13.28 -36.43 48.35
N SER A 151 -12.30 -35.54 48.53
CA SER A 151 -12.45 -34.45 49.48
C SER A 151 -13.65 -33.58 49.12
N LEU A 152 -13.80 -33.24 47.83
CA LEU A 152 -14.95 -32.45 47.40
C LEU A 152 -16.25 -33.21 47.57
N LEU A 153 -16.24 -34.52 47.29
CA LEU A 153 -17.44 -35.32 47.48
C LEU A 153 -17.86 -35.34 48.94
N ALA A 154 -16.89 -35.45 49.85
CA ALA A 154 -17.23 -35.46 51.27
C ALA A 154 -17.85 -34.14 51.69
N SER A 155 -17.27 -33.02 51.23
CA SER A 155 -17.79 -31.71 51.60
C SER A 155 -19.20 -31.50 51.07
N LEU A 156 -19.46 -31.93 49.84
CA LEU A 156 -20.79 -31.78 49.28
C LEU A 156 -21.81 -32.62 50.04
N ALA A 157 -21.42 -33.82 50.47
CA ALA A 157 -22.30 -34.66 51.26
C ALA A 157 -22.56 -34.05 52.63
N ASP A 158 -21.54 -33.43 53.22
CA ASP A 158 -21.71 -32.81 54.53
C ASP A 158 -22.61 -31.59 54.46
N SER A 159 -22.62 -30.89 53.33
CA SER A 159 -23.53 -29.76 53.17
C SER A 159 -24.99 -30.22 53.23
N PHE A 160 -25.27 -31.40 52.68
CA PHE A 160 -26.62 -31.95 52.74
C PHE A 160 -26.95 -32.42 54.16
N THR A 161 -26.00 -33.09 54.81
CA THR A 161 -26.24 -33.62 56.15
C THR A 161 -26.48 -32.52 57.17
N LYS A 162 -25.83 -31.37 57.00
CA LYS A 162 -26.06 -30.25 57.92
C LYS A 162 -27.44 -29.66 57.74
N GLY A 163 -27.99 -29.72 56.53
CA GLY A 163 -29.31 -29.15 56.30
C GLY A 163 -30.40 -29.92 57.04
N SER A 164 -30.27 -31.25 57.08
CA SER A 164 -31.23 -32.14 57.75
C SER A 164 -32.68 -31.85 57.36
N ILE B 13 10.46 -14.92 43.60
CA ILE B 13 9.41 -14.00 43.17
C ILE B 13 9.98 -12.95 42.23
N ILE B 14 9.36 -12.84 41.06
CA ILE B 14 9.74 -11.86 40.03
C ILE B 14 8.64 -10.81 39.98
N PRO B 15 8.94 -9.53 40.22
CA PRO B 15 7.89 -8.52 40.23
C PRO B 15 7.40 -8.22 38.81
N ALA B 16 6.19 -7.68 38.75
CA ALA B 16 5.60 -7.31 37.47
C ALA B 16 6.47 -6.26 36.79
N GLN B 17 6.64 -6.40 35.49
CA GLN B 17 7.45 -5.45 34.73
C GLN B 17 6.89 -5.32 33.33
N LEU B 18 7.44 -4.37 32.60
CA LEU B 18 7.03 -4.11 31.22
C LEU B 18 7.57 -5.22 30.32
N GLY B 19 6.67 -5.96 29.68
CA GLY B 19 7.08 -7.02 28.78
C GLY B 19 7.58 -6.49 27.46
N PHE B 20 6.71 -5.78 26.74
CA PHE B 20 7.14 -5.11 25.52
C PHE B 20 6.22 -3.93 25.24
N LEU B 21 6.72 -2.98 24.47
CA LEU B 21 5.90 -1.88 23.99
C LEU B 21 6.19 -1.64 22.52
N ALA B 22 5.13 -1.38 21.76
CA ALA B 22 5.24 -1.13 20.34
C ALA B 22 4.43 0.11 19.96
N ILE B 23 4.96 0.86 19.02
CA ILE B 23 4.24 1.95 18.37
C ILE B 23 4.17 1.59 16.89
N TYR B 24 2.96 1.50 16.35
CA TYR B 24 2.81 1.09 14.98
C TYR B 24 1.73 1.91 14.31
N ASN B 25 1.83 1.98 13.00
CA ASN B 25 0.82 2.63 12.18
C ASN B 25 0.54 1.77 10.96
N PRO B 26 -0.63 1.13 10.89
CA PRO B 26 -0.89 0.20 9.78
C PRO B 26 -0.79 0.86 8.41
N ALA B 27 -1.09 2.16 8.31
CA ALA B 27 -1.04 2.80 7.00
C ALA B 27 0.36 2.88 6.43
N LEU B 28 1.40 2.78 7.27
CA LEU B 28 2.77 2.82 6.77
C LEU B 28 3.20 1.53 6.09
N GLY B 29 2.39 0.47 6.13
CA GLY B 29 2.77 -0.78 5.47
C GLY B 29 1.58 -1.63 5.07
N THR B 30 1.11 -1.48 3.84
CA THR B 30 -0.11 -2.12 3.40
C THR B 30 0.12 -3.34 2.52
N THR B 31 1.38 -3.69 2.24
CA THR B 31 1.72 -4.91 1.52
C THR B 31 2.55 -5.80 2.45
N ASP B 32 2.66 -7.09 2.09
CA ASP B 32 3.38 -8.00 2.98
C ASP B 32 4.87 -7.71 3.00
N GLU B 33 5.39 -7.16 1.91
CA GLU B 33 6.82 -6.82 1.87
C GLU B 33 7.12 -5.65 2.81
N THR B 34 6.14 -4.81 3.09
CA THR B 34 6.33 -3.60 3.89
C THR B 34 5.62 -3.64 5.23
N LEU B 35 5.25 -4.84 5.71
CA LEU B 35 4.54 -4.97 6.97
C LEU B 35 5.36 -4.47 8.14
N GLU B 36 6.67 -4.76 8.16
CA GLU B 36 7.48 -4.28 9.28
C GLU B 36 7.58 -2.76 9.29
N ASP B 37 7.31 -2.08 8.17
CA ASP B 37 7.32 -0.62 8.16
C ASP B 37 6.22 -0.02 9.01
N GLN B 38 5.21 -0.83 9.38
CA GLN B 38 4.18 -0.33 10.27
C GLN B 38 4.75 0.05 11.62
N ILE B 39 5.86 -0.59 12.00
CA ILE B 39 6.42 -0.46 13.34
C ILE B 39 7.44 0.67 13.34
N VAL B 40 7.19 1.68 14.16
CA VAL B 40 8.17 2.76 14.33
C VAL B 40 8.96 2.65 15.62
N TYR B 41 8.53 1.81 16.57
CA TYR B 41 9.26 1.62 17.81
C TYR B 41 8.82 0.31 18.44
N TYR B 42 9.80 -0.45 18.94
CA TYR B 42 9.52 -1.74 19.60
C TYR B 42 10.61 -1.97 20.65
N ALA B 43 10.18 -2.15 21.90
CA ALA B 43 11.10 -2.37 23.01
C ALA B 43 10.61 -3.56 23.83
N THR B 44 11.53 -4.45 24.20
CA THR B 44 11.22 -5.55 25.08
C THR B 44 11.98 -5.37 26.38
N ALA B 45 11.64 -6.19 27.38
CA ALA B 45 12.37 -6.13 28.65
C ALA B 45 13.87 -6.33 28.42
N SER B 46 14.23 -7.21 27.48
CA SER B 46 15.64 -7.41 27.16
C SER B 46 16.26 -6.19 26.49
N THR B 47 15.54 -5.52 25.58
CA THR B 47 16.10 -4.38 24.87
C THR B 47 16.33 -3.19 25.79
N LEU B 48 15.62 -3.10 26.92
CA LEU B 48 15.83 -1.99 27.86
C LEU B 48 17.01 -2.34 28.76
N SER B 49 18.21 -1.88 28.38
CA SER B 49 19.42 -2.11 29.17
C SER B 49 20.52 -1.07 28.83
N PRO B 93 20.63 -5.36 16.34
CA PRO B 93 20.70 -6.79 15.97
C PRO B 93 19.41 -7.55 16.26
N VAL B 94 18.49 -7.58 15.31
CA VAL B 94 17.21 -8.28 15.46
C VAL B 94 17.21 -9.49 14.54
N SER B 95 17.02 -10.67 15.12
CA SER B 95 17.02 -11.90 14.36
C SER B 95 15.70 -12.09 13.61
N LYS B 96 15.72 -13.07 12.70
CA LYS B 96 14.52 -13.39 11.94
C LYS B 96 13.39 -13.84 12.85
N GLU B 97 13.71 -14.61 13.88
CA GLU B 97 12.66 -15.06 14.80
C GLU B 97 12.04 -13.89 15.54
N GLU B 98 12.89 -13.00 16.07
CA GLU B 98 12.37 -11.82 16.77
C GLU B 98 11.51 -10.96 15.84
N ARG B 99 11.94 -10.76 14.59
CA ARG B 99 11.14 -9.98 13.66
C ARG B 99 9.78 -10.64 13.42
N HIS B 100 9.77 -11.96 13.25
CA HIS B 100 8.51 -12.67 13.10
C HIS B 100 7.62 -12.47 14.33
N GLU B 101 8.21 -12.55 15.52
CA GLU B 101 7.42 -12.41 16.73
C GLU B 101 6.81 -11.02 16.85
N ARG B 102 7.56 -9.97 16.48
CA ARG B 102 7.01 -8.63 16.54
C ARG B 102 5.85 -8.48 15.56
N LEU B 103 6.04 -8.94 14.33
CA LEU B 103 4.95 -8.91 13.36
C LEU B 103 3.75 -9.71 13.86
N ARG B 104 3.99 -10.80 14.58
CA ARG B 104 2.85 -11.56 15.10
C ARG B 104 2.12 -10.80 16.20
N GLN B 105 2.86 -10.19 17.13
CA GLN B 105 2.21 -9.43 18.20
C GLN B 105 1.37 -8.30 17.63
N ILE B 106 1.95 -7.53 16.71
CA ILE B 106 1.24 -6.40 16.14
C ILE B 106 0.11 -6.85 15.21
N GLY B 107 0.31 -7.91 14.45
CA GLY B 107 -0.78 -8.42 13.62
C GLY B 107 -1.94 -8.94 14.45
N LEU B 108 -1.63 -9.66 15.52
CA LEU B 108 -2.69 -10.15 16.40
C LEU B 108 -3.49 -9.00 16.99
N ALA B 109 -2.82 -7.91 17.37
CA ALA B 109 -3.54 -6.77 17.90
C ALA B 109 -4.50 -6.20 16.86
N GLN B 110 -4.03 -6.06 15.62
CA GLN B 110 -4.91 -5.54 14.57
C GLN B 110 -6.05 -6.50 14.29
N GLY B 111 -5.77 -7.80 14.28
CA GLY B 111 -6.84 -8.77 14.04
C GLY B 111 -7.91 -8.72 15.13
N MET B 112 -7.48 -8.59 16.38
CA MET B 112 -8.47 -8.48 17.45
C MET B 112 -9.27 -7.20 17.34
N VAL B 113 -8.63 -6.11 16.91
CA VAL B 113 -9.34 -4.86 16.64
C VAL B 113 -10.37 -5.05 15.55
N GLU B 114 -9.95 -5.61 14.41
CA GLU B 114 -10.88 -5.84 13.31
C GLU B 114 -12.03 -6.73 13.74
N PHE B 115 -11.73 -7.79 14.49
CA PHE B 115 -12.77 -8.71 14.92
C PHE B 115 -13.76 -8.05 15.86
N ALA B 116 -13.27 -7.35 16.88
CA ALA B 116 -14.16 -6.76 17.86
C ALA B 116 -14.96 -5.59 17.29
N LYS B 117 -14.47 -4.92 16.25
CA LYS B 117 -15.23 -3.79 15.70
C LYS B 117 -16.60 -4.22 15.20
N SER B 118 -16.76 -5.49 14.81
CA SER B 118 -18.06 -5.98 14.35
C SER B 118 -19.09 -5.96 15.47
N PHE B 119 -18.66 -6.11 16.72
CA PHE B 119 -19.56 -6.21 17.84
C PHE B 119 -19.67 -4.93 18.66
N SER B 120 -18.75 -3.98 18.50
CA SER B 120 -18.65 -2.83 19.39
C SER B 120 -18.94 -1.50 18.71
N ASP B 121 -19.66 -1.51 17.59
CA ASP B 121 -19.97 -0.29 16.86
C ASP B 121 -18.70 0.48 16.51
N GLY B 122 -17.67 -0.24 16.06
CA GLY B 122 -16.45 0.36 15.59
C GLY B 122 -15.41 0.67 16.65
N GLU B 123 -15.65 0.33 17.92
CA GLU B 123 -14.69 0.65 18.98
C GLU B 123 -13.55 -0.37 19.01
N PRO B 124 -12.31 0.08 19.09
CA PRO B 124 -11.19 -0.87 19.10
C PRO B 124 -11.05 -1.56 20.45
N VAL B 125 -10.36 -2.71 20.42
CA VAL B 125 -9.92 -3.35 21.64
C VAL B 125 -8.98 -2.43 22.37
N ASP B 126 -9.21 -2.24 23.68
CA ASP B 126 -8.35 -1.41 24.50
C ASP B 126 -7.65 -2.15 25.62
N THR B 127 -8.14 -3.32 26.03
CA THR B 127 -7.58 -4.09 27.11
C THR B 127 -7.68 -5.58 26.79
N ILE B 128 -6.61 -6.32 27.04
CA ILE B 128 -6.59 -7.76 26.85
C ILE B 128 -6.06 -8.39 28.13
N ASP B 129 -6.79 -9.36 28.66
CA ASP B 129 -6.41 -10.02 29.91
C ASP B 129 -5.96 -11.44 29.60
N THR B 130 -4.69 -11.73 29.88
CA THR B 130 -4.16 -13.08 29.71
C THR B 130 -3.70 -13.62 31.05
N GLU B 131 -3.35 -14.91 31.05
CA GLU B 131 -2.94 -15.55 32.30
C GLU B 131 -1.68 -14.90 32.88
N LYS B 132 -0.76 -14.49 32.01
CA LYS B 132 0.54 -14.01 32.44
C LYS B 132 0.78 -12.54 32.17
N ALA B 133 -0.08 -11.87 31.42
CA ALA B 133 0.16 -10.49 31.06
C ALA B 133 -1.14 -9.71 31.01
N ARG B 134 -1.02 -8.42 31.32
CA ARG B 134 -2.07 -7.43 31.16
C ARG B 134 -1.69 -6.56 29.97
N VAL B 135 -2.50 -6.58 28.92
CA VAL B 135 -2.16 -5.93 27.66
C VAL B 135 -3.06 -4.72 27.46
N ILE B 136 -2.45 -3.60 27.07
CA ILE B 136 -3.11 -2.32 26.84
C ILE B 136 -2.91 -1.91 25.38
N LEU B 137 -3.97 -1.42 24.74
CA LEU B 137 -3.91 -0.94 23.36
C LEU B 137 -4.60 0.40 23.27
N VAL B 138 -3.89 1.42 22.81
CA VAL B 138 -4.43 2.76 22.76
C VAL B 138 -4.08 3.39 21.42
N GLU B 139 -5.08 3.97 20.76
CA GLU B 139 -4.86 4.76 19.54
C GLU B 139 -4.61 6.20 19.99
N VAL B 140 -3.34 6.63 19.95
CA VAL B 140 -3.02 7.95 20.51
C VAL B 140 -3.44 9.07 19.58
N GLU B 141 -3.38 8.85 18.27
CA GLU B 141 -3.97 9.76 17.30
C GLU B 141 -4.44 8.91 16.14
N GLU B 142 -5.21 9.53 15.24
CA GLU B 142 -5.78 8.75 14.15
C GLU B 142 -4.69 8.02 13.39
N GLY B 143 -4.68 6.69 13.48
CA GLY B 143 -3.77 5.84 12.73
C GLY B 143 -2.56 5.35 13.49
N TRP B 144 -2.24 5.95 14.63
CA TRP B 144 -1.04 5.63 15.40
C TRP B 144 -1.41 4.92 16.70
N TRP B 145 -0.80 3.76 16.92
CA TRP B 145 -1.20 2.88 18.00
C TRP B 145 -0.04 2.60 18.94
N ILE B 146 -0.35 2.48 20.23
CA ILE B 146 0.61 2.01 21.22
C ILE B 146 0.08 0.72 21.81
N LEU B 147 0.88 -0.32 21.72
CA LEU B 147 0.56 -1.63 22.26
C LEU B 147 1.58 -1.94 23.36
N ALA B 148 1.10 -2.19 24.57
CA ALA B 148 1.98 -2.41 25.71
C ALA B 148 1.52 -3.65 26.45
N SER B 149 2.45 -4.57 26.69
CA SER B 149 2.20 -5.80 27.42
C SER B 149 3.00 -5.77 28.71
N ILE B 150 2.31 -5.84 29.85
CA ILE B 150 2.94 -5.79 31.16
C ILE B 150 2.92 -7.20 31.74
N ASP B 151 4.10 -7.78 31.94
CA ASP B 151 4.19 -9.08 32.59
C ASP B 151 3.74 -8.99 34.03
N LEU B 152 2.93 -9.95 34.46
CA LEU B 152 2.42 -9.94 35.83
C LEU B 152 3.47 -10.44 36.81
N THR B 153 3.17 -10.30 38.09
CA THR B 153 4.09 -10.75 39.12
C THR B 153 4.14 -12.28 39.14
N ARG B 154 5.35 -12.82 39.00
CA ARG B 154 5.60 -14.25 39.03
C ARG B 154 6.00 -14.66 40.45
N LEU B 155 5.19 -15.50 41.09
CA LEU B 155 5.51 -16.00 42.41
C LEU B 155 5.40 -17.52 42.40
N PRO B 156 6.38 -18.24 42.97
CA PRO B 156 6.36 -19.71 42.98
C PRO B 156 5.73 -20.30 44.24
N TYR B 184 5.08 -21.18 37.95
CA TYR B 184 4.76 -20.22 38.99
C TYR B 184 3.28 -19.84 38.97
N GLU B 185 2.89 -19.00 39.92
CA GLU B 185 1.56 -18.40 39.96
C GLU B 185 1.68 -16.92 39.61
N TYR B 186 0.67 -16.39 38.93
CA TYR B 186 0.71 -15.05 38.39
C TYR B 186 -0.34 -14.18 39.06
N SER B 187 0.04 -12.94 39.39
CA SER B 187 -0.83 -12.05 40.14
C SER B 187 -0.81 -10.66 39.51
N SER B 188 -1.95 -9.98 39.61
CA SER B 188 -2.10 -8.61 39.13
C SER B 188 -2.48 -7.66 40.25
N ARG B 189 -2.29 -8.06 41.51
CA ARG B 189 -2.67 -7.21 42.62
C ARG B 189 -1.80 -5.96 42.70
N GLU B 190 -0.50 -6.13 42.51
CA GLU B 190 0.39 -4.97 42.56
C GLU B 190 0.29 -4.07 41.34
N VAL B 191 -0.33 -4.54 40.24
CA VAL B 191 -0.25 -3.87 38.96
C VAL B 191 -1.30 -2.78 38.86
N LYS B 192 -0.92 -1.67 38.23
CA LYS B 192 -1.87 -0.59 37.97
C LYS B 192 -3.03 -1.13 37.13
N PRO B 193 -4.24 -0.60 37.34
CA PRO B 193 -5.38 -1.01 36.52
C PRO B 193 -5.19 -0.60 35.08
N PRO B 194 -5.89 -1.25 34.14
CA PRO B 194 -5.71 -0.89 32.71
C PRO B 194 -5.96 0.57 32.42
N SER B 195 -6.99 1.17 33.03
CA SER B 195 -7.28 2.58 32.76
C SER B 195 -6.13 3.47 33.19
N LEU B 196 -5.39 3.09 34.24
CA LEU B 196 -4.24 3.88 34.69
C LEU B 196 -3.06 3.74 33.74
N LEU B 197 -2.74 2.51 33.32
CA LEU B 197 -1.64 2.32 32.37
C LEU B 197 -1.90 3.10 31.10
N ARG B 198 -3.15 3.10 30.63
CA ARG B 198 -3.50 3.85 29.43
C ARG B 198 -3.24 5.34 29.61
N ALA B 199 -3.63 5.90 30.75
CA ALA B 199 -3.39 7.32 31.01
C ALA B 199 -1.90 7.63 31.12
N ASP B 200 -1.10 6.70 31.61
CA ASP B 200 0.34 6.91 31.63
C ASP B 200 0.89 7.00 30.21
N LEU B 201 0.45 6.11 29.32
CA LEU B 201 0.97 6.11 27.96
C LEU B 201 0.51 7.36 27.20
N LEU B 202 -0.71 7.81 27.46
CA LEU B 202 -1.19 9.03 26.80
C LEU B 202 -0.41 10.25 27.27
N ARG B 203 -0.09 10.32 28.56
CA ARG B 203 0.67 11.45 29.07
C ARG B 203 2.08 11.46 28.49
N ALA B 204 2.70 10.29 28.38
CA ALA B 204 4.00 10.20 27.72
C ALA B 204 3.90 10.65 26.28
N TYR B 205 2.83 10.25 25.58
CA TYR B 205 2.60 10.72 24.23
C TYR B 205 2.46 12.23 24.20
N ASP B 206 1.65 12.78 25.11
CA ASP B 206 1.51 14.22 25.20
C ASP B 206 2.84 14.89 25.48
N LEU B 207 3.65 14.27 26.34
CA LEU B 207 4.94 14.82 26.69
C LEU B 207 5.91 14.80 25.51
N PHE B 208 5.89 13.72 24.73
CA PHE B 208 6.76 13.64 23.56
C PHE B 208 6.41 14.73 22.56
N LEU B 209 5.12 14.92 22.27
CA LEU B 209 4.73 15.94 21.29
C LEU B 209 5.07 17.34 21.78
N LEU B 210 4.90 17.57 23.08
CA LEU B 210 5.12 18.91 23.63
C LEU B 210 6.51 19.43 23.28
N HIS B 211 7.47 18.52 23.12
CA HIS B 211 8.86 18.89 22.90
C HIS B 211 9.33 18.66 21.47
N HIS B 212 8.43 18.28 20.55
CA HIS B 212 8.89 17.93 19.21
C HIS B 212 8.01 18.47 18.09
N GLY B 213 6.69 18.39 18.23
CA GLY B 213 5.85 18.83 17.14
C GLY B 213 4.39 18.67 17.46
N SER B 214 3.58 18.89 16.43
CA SER B 214 2.13 18.89 16.57
C SER B 214 1.55 17.48 16.68
N SER B 215 2.04 16.54 15.88
CA SER B 215 1.51 15.19 15.87
C SER B 215 2.53 14.26 15.26
N LEU B 216 2.32 12.95 15.47
CA LEU B 216 3.17 11.96 14.81
C LEU B 216 3.05 12.06 13.29
N SER B 217 1.83 12.28 12.77
CA SER B 217 1.67 12.45 11.33
C SER B 217 2.39 13.69 10.83
N SER B 218 2.28 14.81 11.55
CA SER B 218 2.98 16.02 11.15
C SER B 218 4.50 15.84 11.20
N LEU B 219 4.99 15.20 12.27
CA LEU B 219 6.43 14.95 12.38
C LEU B 219 6.92 14.04 11.26
N LEU B 220 6.14 13.03 10.89
CA LEU B 220 6.58 12.11 9.85
C LEU B 220 6.81 12.85 8.54
N ALA B 221 5.92 13.79 8.21
CA ALA B 221 6.09 14.56 6.99
C ALA B 221 7.21 15.59 7.13
N SER B 222 7.33 16.24 8.29
CA SER B 222 8.28 17.34 8.41
C SER B 222 9.71 16.81 8.43
N GLN B 223 9.99 15.83 9.30
CA GLN B 223 11.37 15.40 9.49
C GLN B 223 11.67 14.01 8.92
N GLY B 224 10.66 13.30 8.41
CA GLY B 224 10.90 12.03 7.77
C GLY B 224 10.97 10.87 8.75
N ARG B 225 10.93 9.66 8.19
CA ARG B 225 10.80 8.45 9.00
C ARG B 225 12.04 8.19 9.86
N ALA B 226 13.22 8.31 9.26
CA ALA B 226 14.44 7.99 9.99
C ALA B 226 14.58 8.87 11.21
N GLN B 227 14.36 10.19 11.05
CA GLN B 227 14.54 11.10 12.17
C GLN B 227 13.44 10.91 13.20
N LEU B 228 12.21 10.63 12.75
CA LEU B 228 11.14 10.42 13.71
C LEU B 228 11.39 9.17 14.55
N VAL B 229 11.81 8.06 13.89
CA VAL B 229 12.08 6.83 14.63
C VAL B 229 13.22 7.05 15.62
N ALA B 230 14.27 7.76 15.19
CA ALA B 230 15.37 8.05 16.10
C ALA B 230 14.89 8.92 17.25
N SER B 231 14.02 9.88 16.97
CA SER B 231 13.50 10.75 18.01
C SER B 231 12.62 9.95 18.99
N LEU B 232 11.75 9.08 18.45
CA LEU B 232 10.92 8.23 19.30
C LEU B 232 11.75 7.26 20.13
N THR B 233 12.84 6.73 19.55
CA THR B 233 13.63 5.76 20.29
C THR B 233 14.28 6.40 21.51
N ARG B 234 14.80 7.63 21.37
CA ARG B 234 15.41 8.31 22.50
C ARG B 234 14.40 8.57 23.61
N PHE B 235 13.19 9.01 23.24
CA PHE B 235 12.20 9.35 24.26
C PHE B 235 11.67 8.09 24.93
N TRP B 236 11.21 7.11 24.15
CA TRP B 236 10.52 5.99 24.76
C TRP B 236 11.48 5.07 25.50
N ASP B 237 12.73 4.95 25.03
CA ASP B 237 13.69 4.15 25.80
C ASP B 237 13.88 4.73 27.19
N HIS B 238 13.96 6.06 27.30
CA HIS B 238 14.17 6.68 28.60
C HIS B 238 12.91 6.60 29.44
N PHE B 239 11.74 6.73 28.83
CA PHE B 239 10.51 6.67 29.60
C PHE B 239 10.25 5.26 30.13
N LEU B 240 10.46 4.24 29.28
CA LEU B 240 10.16 2.86 29.67
C LEU B 240 11.13 2.36 30.74
N ALA B 241 12.33 2.91 30.78
CA ALA B 241 13.29 2.50 31.80
C ALA B 241 12.85 2.94 33.19
N THR B 242 12.19 4.10 33.28
CA THR B 242 11.73 4.64 34.56
C THR B 242 10.25 4.36 34.83
N TRP B 243 9.47 3.95 33.83
CA TRP B 243 8.04 3.81 34.03
C TRP B 243 7.71 2.66 34.97
N ASN B 244 6.97 2.96 36.04
CA ASN B 244 6.63 1.97 37.04
C ASN B 244 5.22 1.46 36.79
N VAL B 245 5.10 0.16 36.49
CA VAL B 245 3.80 -0.44 36.21
C VAL B 245 3.07 -0.87 37.47
N LEU B 246 3.73 -0.86 38.62
CA LEU B 246 3.13 -1.22 39.89
C LEU B 246 2.43 -0.01 40.52
N LEU B 247 1.59 -0.28 41.51
CA LEU B 247 0.95 0.82 42.23
C LEU B 247 1.97 1.61 43.03
N HIS B 248 2.83 0.94 43.78
CA HIS B 248 3.89 1.61 44.54
C HIS B 248 5.13 0.74 44.66
N LYS C 7 -28.81 -33.63 11.14
CA LYS C 7 -27.95 -32.44 11.22
C LYS C 7 -27.12 -32.23 9.96
N LYS C 8 -26.88 -30.97 9.62
CA LYS C 8 -26.13 -30.65 8.42
C LYS C 8 -24.65 -30.98 8.62
N VAL C 9 -24.04 -31.56 7.60
CA VAL C 9 -22.62 -31.93 7.67
C VAL C 9 -21.76 -30.69 7.55
N LEU C 10 -20.69 -30.65 8.33
CA LEU C 10 -19.73 -29.56 8.32
C LEU C 10 -18.35 -30.16 8.05
N LEU C 11 -17.62 -29.56 7.10
CA LEU C 11 -16.27 -30.00 6.77
C LEU C 11 -15.32 -28.83 6.96
N LYS C 12 -14.17 -29.09 7.59
CA LYS C 12 -13.10 -28.10 7.71
C LYS C 12 -12.10 -28.36 6.60
N VAL C 13 -11.97 -27.40 5.69
CA VAL C 13 -11.12 -27.51 4.50
C VAL C 13 -9.98 -26.50 4.59
N ILE C 14 -8.74 -26.98 4.46
CA ILE C 14 -7.56 -26.13 4.47
C ILE C 14 -7.13 -25.87 3.04
N ILE C 15 -6.87 -24.61 2.70
CA ILE C 15 -6.35 -24.22 1.39
C ILE C 15 -4.88 -23.85 1.58
N LEU C 16 -3.99 -24.66 1.03
CA LEU C 16 -2.55 -24.46 1.12
C LEU C 16 -2.00 -24.03 -0.23
N GLY C 17 -0.86 -23.37 -0.20
CA GLY C 17 -0.19 -22.89 -1.39
C GLY C 17 0.72 -21.72 -1.07
N ASP C 18 1.69 -21.50 -1.96
CA ASP C 18 2.61 -20.38 -1.78
C ASP C 18 1.88 -19.05 -1.88
N SER C 19 2.35 -18.08 -1.11
CA SER C 19 1.79 -16.75 -1.18
C SER C 19 1.95 -16.20 -2.61
N GLY C 20 0.93 -15.49 -3.08
CA GLY C 20 0.96 -14.88 -4.41
C GLY C 20 0.59 -15.80 -5.56
N VAL C 21 0.21 -17.05 -5.29
CA VAL C 21 -0.22 -17.97 -6.33
C VAL C 21 -1.58 -17.57 -6.91
N GLY C 22 -2.43 -16.95 -6.10
CA GLY C 22 -3.74 -16.52 -6.56
C GLY C 22 -4.87 -17.21 -5.83
N LYS C 23 -4.64 -17.60 -4.57
CA LYS C 23 -5.67 -18.32 -3.83
C LYS C 23 -6.82 -17.40 -3.44
N THR C 24 -6.52 -16.15 -3.09
CA THR C 24 -7.58 -15.23 -2.67
C THR C 24 -8.52 -14.89 -3.82
N SER C 25 -7.96 -14.47 -4.96
CA SER C 25 -8.79 -14.12 -6.10
C SER C 25 -9.59 -15.32 -6.60
N LEU C 26 -9.04 -16.53 -6.44
CA LEU C 26 -9.75 -17.71 -6.91
C LEU C 26 -10.92 -18.02 -5.98
N MET C 27 -10.68 -18.01 -4.67
CA MET C 27 -11.75 -18.30 -3.72
C MET C 27 -12.84 -17.23 -3.76
N ASN C 28 -12.51 -16.01 -4.17
CA ASN C 28 -13.51 -14.94 -4.27
C ASN C 28 -14.63 -15.31 -5.23
N GLN C 29 -14.29 -15.97 -6.34
CA GLN C 29 -15.32 -16.36 -7.30
C GLN C 29 -16.21 -17.46 -6.75
N TYR C 30 -15.68 -18.30 -5.85
CA TYR C 30 -16.39 -19.48 -5.37
C TYR C 30 -17.19 -19.23 -4.09
N VAL C 31 -16.52 -18.74 -3.05
CA VAL C 31 -17.11 -18.68 -1.71
C VAL C 31 -18.21 -17.62 -1.63
N ASN C 32 -18.96 -17.66 -0.53
CA ASN C 32 -19.95 -16.65 -0.19
C ASN C 32 -19.21 -15.46 0.41
N LYS C 33 -19.03 -14.40 -0.39
CA LYS C 33 -18.30 -13.22 0.08
C LYS C 33 -18.98 -12.57 1.27
N LYS C 34 -20.30 -12.70 1.39
CA LYS C 34 -21.01 -12.02 2.47
C LYS C 34 -20.55 -12.50 3.84
N PHE C 35 -20.08 -13.75 3.93
CA PHE C 35 -19.64 -14.34 5.20
C PHE C 35 -18.12 -14.47 5.30
N SER C 36 -17.37 -13.96 4.34
CA SER C 36 -15.92 -14.06 4.42
C SER C 36 -15.41 -13.23 5.59
N ALA C 37 -14.25 -13.63 6.10
CA ALA C 37 -13.52 -12.89 7.12
C ALA C 37 -12.06 -12.82 6.67
N SER C 38 -11.59 -11.61 6.36
CA SER C 38 -10.27 -11.42 5.75
C SER C 38 -9.25 -11.08 6.82
N TYR C 39 -8.39 -12.03 7.15
CA TYR C 39 -7.39 -11.83 8.20
C TYR C 39 -6.01 -12.37 7.82
N LYS C 40 -5.73 -12.57 6.52
CA LYS C 40 -4.47 -13.18 6.11
C LYS C 40 -3.27 -12.40 6.65
N ALA C 41 -3.24 -11.10 6.43
CA ALA C 41 -2.08 -10.32 6.84
C ALA C 41 -1.97 -10.21 8.36
N THR C 42 -3.08 -10.30 9.10
CA THR C 42 -3.03 -10.05 10.55
C THR C 42 -2.76 -11.34 11.31
N ILE C 43 -3.70 -12.29 11.25
CA ILE C 43 -3.57 -13.49 12.07
C ILE C 43 -3.40 -14.75 11.22
N GLY C 44 -3.17 -14.60 9.92
CA GLY C 44 -2.64 -15.70 9.12
C GLY C 44 -3.62 -16.50 8.27
N ALA C 45 -4.88 -16.08 8.14
CA ALA C 45 -5.80 -16.82 7.30
C ALA C 45 -7.01 -15.97 6.96
N ASP C 46 -7.63 -16.29 5.84
CA ASP C 46 -8.98 -15.85 5.52
C ASP C 46 -9.92 -16.99 5.86
N PHE C 47 -11.05 -16.68 6.47
CA PHE C 47 -11.99 -17.69 6.91
C PHE C 47 -13.24 -17.55 6.04
N LEU C 48 -13.41 -18.51 5.13
CA LEU C 48 -14.44 -18.45 4.11
C LEU C 48 -15.42 -19.60 4.31
N THR C 49 -16.58 -19.50 3.65
CA THR C 49 -17.58 -20.55 3.78
C THR C 49 -18.36 -20.64 2.48
N ARG C 50 -18.94 -21.83 2.24
CA ARG C 50 -19.65 -22.10 1.00
C ARG C 50 -20.50 -23.34 1.19
N GLU C 51 -21.69 -23.34 0.59
CA GLU C 51 -22.57 -24.49 0.63
C GLU C 51 -22.28 -25.38 -0.57
N VAL C 52 -22.14 -26.68 -0.32
CA VAL C 52 -21.80 -27.64 -1.36
C VAL C 52 -22.82 -28.76 -1.31
N MET C 53 -23.32 -29.16 -2.48
CA MET C 53 -24.24 -30.28 -2.62
C MET C 53 -23.45 -31.52 -2.99
N VAL C 54 -23.54 -32.55 -2.16
CA VAL C 54 -22.92 -33.85 -2.43
C VAL C 54 -24.06 -34.85 -2.38
N ASP C 55 -24.52 -35.30 -3.55
CA ASP C 55 -25.72 -36.15 -3.69
C ASP C 55 -26.91 -35.31 -3.20
N ASP C 56 -27.82 -35.88 -2.43
CA ASP C 56 -28.92 -35.09 -1.89
C ASP C 56 -28.47 -34.20 -0.72
N ARG C 57 -27.47 -34.64 0.03
CA ARG C 57 -27.08 -33.92 1.23
C ARG C 57 -26.49 -32.55 0.88
N GLN C 58 -26.80 -31.57 1.72
CA GLN C 58 -26.23 -30.24 1.61
C GLN C 58 -25.15 -30.12 2.67
N VAL C 59 -23.96 -29.69 2.27
CA VAL C 59 -22.79 -29.64 3.14
C VAL C 59 -22.32 -28.20 3.26
N THR C 60 -22.05 -27.77 4.49
CA THR C 60 -21.45 -26.47 4.75
C THR C 60 -19.95 -26.65 4.94
N MET C 61 -19.17 -25.89 4.17
CA MET C 61 -17.72 -25.99 4.23
C MET C 61 -17.14 -24.80 4.97
N GLN C 62 -16.20 -25.10 5.86
CA GLN C 62 -15.47 -24.09 6.62
C GLN C 62 -14.09 -24.01 5.98
N LEU C 63 -13.84 -22.92 5.26
CA LEU C 63 -12.64 -22.81 4.42
C LEU C 63 -11.60 -21.96 5.13
N TRP C 64 -10.41 -22.51 5.30
CA TRP C 64 -9.31 -21.80 5.96
C TRP C 64 -8.27 -21.56 4.87
N ASP C 65 -8.23 -20.32 4.37
CA ASP C 65 -7.29 -19.95 3.31
C ASP C 65 -6.07 -19.34 3.99
N THR C 66 -5.04 -20.16 4.20
CA THR C 66 -3.87 -19.75 4.96
C THR C 66 -3.02 -18.76 4.18
N ALA C 67 -2.37 -17.86 4.92
CA ALA C 67 -1.57 -16.81 4.29
C ALA C 67 -0.28 -17.38 3.69
N GLY C 68 0.23 -18.46 4.27
CA GLY C 68 1.45 -19.08 3.77
C GLY C 68 2.71 -18.32 4.08
N GLN C 69 2.64 -17.23 4.83
CA GLN C 69 3.85 -16.50 5.18
C GLN C 69 4.63 -17.26 6.24
N GLU C 70 5.94 -17.00 6.27
CA GLU C 70 6.83 -17.77 7.12
C GLU C 70 6.49 -17.59 8.61
N ARG C 71 6.11 -16.38 9.01
CA ARG C 71 5.89 -16.12 10.43
C ARG C 71 4.71 -16.87 11.02
N PHE C 72 3.89 -17.55 10.21
CA PHE C 72 2.75 -18.31 10.70
C PHE C 72 3.00 -19.81 10.72
N GLN C 73 4.23 -20.24 10.44
CA GLN C 73 4.49 -21.68 10.31
C GLN C 73 4.24 -22.43 11.61
N SER C 74 4.68 -21.85 12.73
CA SER C 74 4.52 -22.52 14.02
C SER C 74 3.05 -22.75 14.35
N LEU C 75 2.18 -21.83 13.94
CA LEU C 75 0.75 -21.94 14.22
C LEU C 75 0.04 -22.91 13.31
N GLY C 76 0.77 -23.63 12.44
CA GLY C 76 0.13 -24.61 11.58
C GLY C 76 -0.56 -25.71 12.36
N VAL C 77 -0.07 -26.01 13.57
CA VAL C 77 -0.74 -27.01 14.38
C VAL C 77 -2.17 -26.59 14.70
N ALA C 78 -2.39 -25.30 14.99
CA ALA C 78 -3.75 -24.90 15.32
C ALA C 78 -4.58 -24.64 14.06
N PHE C 79 -3.97 -24.09 13.00
CA PHE C 79 -4.68 -23.89 11.73
C PHE C 79 -5.27 -25.20 11.21
N TYR C 80 -4.44 -26.25 11.18
CA TYR C 80 -4.80 -27.49 10.54
C TYR C 80 -5.51 -28.48 11.46
N ARG C 81 -5.63 -28.17 12.74
CA ARG C 81 -6.17 -29.13 13.69
C ARG C 81 -7.61 -29.47 13.32
N GLY C 82 -7.90 -30.77 13.26
CA GLY C 82 -9.23 -31.24 12.94
C GLY C 82 -9.64 -31.08 11.50
N ALA C 83 -8.70 -30.79 10.59
CA ALA C 83 -9.07 -30.65 9.18
C ALA C 83 -9.64 -31.96 8.65
N ASP C 84 -10.68 -31.84 7.82
CA ASP C 84 -11.27 -32.98 7.14
C ASP C 84 -10.60 -33.25 5.81
N CYS C 85 -10.20 -32.20 5.09
CA CYS C 85 -9.54 -32.36 3.79
C CYS C 85 -8.72 -31.11 3.50
N CYS C 86 -7.83 -31.23 2.52
CA CYS C 86 -6.84 -30.20 2.21
C CYS C 86 -6.73 -29.99 0.70
N VAL C 87 -6.61 -28.72 0.30
CA VAL C 87 -6.47 -28.32 -1.09
C VAL C 87 -5.08 -27.73 -1.29
N LEU C 88 -4.38 -28.20 -2.32
CA LEU C 88 -3.04 -27.74 -2.66
C LEU C 88 -3.11 -26.95 -3.95
N VAL C 89 -2.65 -25.69 -3.91
CA VAL C 89 -2.79 -24.75 -5.02
C VAL C 89 -1.41 -24.35 -5.50
N PHE C 90 -1.25 -24.28 -6.83
CA PHE C 90 -0.04 -23.74 -7.43
C PHE C 90 -0.40 -22.95 -8.68
N ASP C 91 0.55 -22.15 -9.14
CA ASP C 91 0.43 -21.42 -10.40
C ASP C 91 1.21 -22.19 -11.46
N VAL C 92 0.57 -22.46 -12.60
CA VAL C 92 1.24 -23.21 -13.65
C VAL C 92 2.41 -22.43 -14.25
N ASN C 93 2.45 -21.11 -14.09
CA ASN C 93 3.55 -20.30 -14.56
C ASN C 93 4.67 -20.14 -13.54
N ASN C 94 4.39 -20.35 -12.25
CA ASN C 94 5.38 -20.22 -11.18
C ASN C 94 5.89 -21.61 -10.84
N ALA C 95 7.10 -21.92 -11.31
CA ALA C 95 7.67 -23.24 -11.05
C ALA C 95 7.92 -23.45 -9.56
N LYS C 96 8.34 -22.39 -8.85
CA LYS C 96 8.61 -22.53 -7.44
C LYS C 96 7.36 -22.91 -6.66
N SER C 97 6.19 -22.43 -7.09
CA SER C 97 4.96 -22.79 -6.40
C SER C 97 4.62 -24.27 -6.62
N PHE C 98 4.98 -24.82 -7.77
CA PHE C 98 4.78 -26.25 -7.97
C PHE C 98 5.73 -27.07 -7.10
N ASP C 99 7.01 -26.68 -7.04
CA ASP C 99 7.97 -27.42 -6.23
C ASP C 99 7.61 -27.39 -4.75
N ALA C 100 6.94 -26.32 -4.31
CA ALA C 100 6.58 -26.23 -2.90
C ALA C 100 5.44 -27.16 -2.54
N LEU C 101 4.73 -27.71 -3.52
CA LEU C 101 3.57 -28.55 -3.22
C LEU C 101 3.96 -29.75 -2.38
N ASP C 102 5.16 -30.29 -2.60
CA ASP C 102 5.63 -31.42 -1.80
C ASP C 102 5.96 -30.99 -0.39
N SER C 103 6.46 -29.76 -0.21
CA SER C 103 6.76 -29.30 1.14
C SER C 103 5.50 -28.92 1.91
N TRP C 104 4.49 -28.37 1.23
CA TRP C 104 3.25 -28.05 1.91
C TRP C 104 2.52 -29.30 2.37
N ARG C 105 2.48 -30.34 1.52
CA ARG C 105 1.76 -31.56 1.86
C ARG C 105 2.42 -32.27 3.04
N ASP C 106 3.75 -32.34 3.05
CA ASP C 106 4.45 -33.02 4.13
C ASP C 106 4.31 -32.27 5.45
N GLU C 107 4.43 -30.94 5.39
CA GLU C 107 4.25 -30.12 6.59
C GLU C 107 2.81 -30.19 7.09
N PHE C 108 1.84 -30.30 6.17
CA PHE C 108 0.47 -30.47 6.60
C PHE C 108 0.28 -31.79 7.33
N LEU C 109 0.79 -32.89 6.76
CA LEU C 109 0.65 -34.19 7.41
C LEU C 109 1.36 -34.22 8.75
N ILE C 110 2.46 -33.47 8.90
CA ILE C 110 3.18 -33.49 10.17
C ILE C 110 2.44 -32.66 11.22
N GLN C 111 2.02 -31.46 10.85
CA GLN C 111 1.40 -30.58 11.84
C GLN C 111 -0.03 -30.99 12.14
N ALA C 112 -0.80 -31.37 11.11
CA ALA C 112 -2.19 -31.78 11.35
C ALA C 112 -2.26 -33.18 11.98
N SER C 113 -1.35 -34.07 11.58
CA SER C 113 -1.31 -35.45 12.06
C SER C 113 -2.71 -36.09 12.03
N PRO C 114 -3.31 -36.18 10.86
CA PRO C 114 -4.71 -36.63 10.78
C PRO C 114 -4.82 -38.15 10.90
N ARG C 115 -6.02 -38.58 11.30
CA ARG C 115 -6.33 -40.01 11.27
C ARG C 115 -6.43 -40.48 9.83
N ASP C 116 -5.90 -41.68 9.57
CA ASP C 116 -5.84 -42.27 8.23
C ASP C 116 -5.08 -41.36 7.28
N PRO C 117 -3.77 -41.15 7.49
CA PRO C 117 -3.02 -40.21 6.64
C PRO C 117 -2.93 -40.65 5.19
N GLU C 118 -2.85 -41.95 4.94
CA GLU C 118 -2.73 -42.44 3.58
C GLU C 118 -4.01 -42.30 2.77
N ASN C 119 -5.16 -42.10 3.43
CA ASN C 119 -6.41 -41.91 2.73
C ASN C 119 -7.02 -40.53 2.96
N PHE C 120 -6.24 -39.60 3.50
CA PHE C 120 -6.74 -38.26 3.76
C PHE C 120 -7.05 -37.56 2.45
N PRO C 121 -8.22 -36.93 2.30
CA PRO C 121 -8.58 -36.33 1.00
C PRO C 121 -7.70 -35.13 0.69
N PHE C 122 -7.16 -35.11 -0.52
CA PHE C 122 -6.36 -34.01 -1.07
C PHE C 122 -6.88 -33.70 -2.46
N VAL C 123 -6.68 -32.44 -2.88
CA VAL C 123 -6.97 -32.01 -4.24
C VAL C 123 -5.92 -30.97 -4.63
N VAL C 124 -5.34 -31.13 -5.82
CA VAL C 124 -4.36 -30.18 -6.34
C VAL C 124 -5.03 -29.31 -7.39
N LEU C 125 -4.82 -28.00 -7.29
CA LEU C 125 -5.39 -27.04 -8.21
C LEU C 125 -4.28 -26.27 -8.91
N GLY C 126 -4.35 -26.22 -10.24
CA GLY C 126 -3.42 -25.43 -11.03
C GLY C 126 -4.13 -24.22 -11.61
N ILE C 127 -3.61 -23.03 -11.34
CA ILE C 127 -4.25 -21.79 -11.77
C ILE C 127 -3.69 -21.37 -13.12
N LYS C 128 -4.60 -21.06 -14.05
CA LYS C 128 -4.25 -20.59 -15.38
C LYS C 128 -4.48 -19.09 -15.51
N ILE C 129 -3.74 -18.46 -16.41
CA ILE C 129 -3.96 -17.07 -16.77
C ILE C 129 -4.00 -16.97 -18.30
N LYS C 135 1.49 -19.44 -22.36
CA LYS C 135 2.85 -19.76 -21.95
C LYS C 135 2.91 -20.16 -20.48
N ARG C 136 3.00 -21.47 -20.24
CA ARG C 136 3.09 -22.05 -18.90
C ARG C 136 4.38 -22.84 -18.77
N VAL C 137 4.87 -22.93 -17.53
CA VAL C 137 6.12 -23.62 -17.25
C VAL C 137 5.88 -25.08 -16.83
N ILE C 138 4.83 -25.34 -16.06
CA ILE C 138 4.53 -26.68 -15.57
C ILE C 138 3.52 -27.34 -16.50
N SER C 139 3.91 -28.48 -17.07
CA SER C 139 3.01 -29.19 -17.96
C SER C 139 1.95 -29.94 -17.15
N THR C 140 0.82 -30.21 -17.81
CA THR C 140 -0.26 -30.93 -17.16
C THR C 140 0.18 -32.33 -16.76
N LYS C 141 0.93 -33.01 -17.62
CA LYS C 141 1.36 -34.37 -17.30
C LYS C 141 2.33 -34.38 -16.13
N ARG C 142 3.22 -33.39 -16.05
CA ARG C 142 4.14 -33.32 -14.91
C ARG C 142 3.37 -33.08 -13.61
N ALA C 143 2.25 -32.37 -13.68
CA ALA C 143 1.44 -32.19 -12.48
C ALA C 143 0.69 -33.46 -12.11
N GLN C 144 0.22 -34.21 -13.10
CA GLN C 144 -0.47 -35.45 -12.78
C GLN C 144 0.49 -36.52 -12.28
N THR C 145 1.75 -36.51 -12.75
CA THR C 145 2.71 -37.47 -12.24
C THR C 145 2.97 -37.24 -10.75
N PHE C 146 3.04 -35.99 -10.32
CA PHE C 146 3.17 -35.74 -8.88
C PHE C 146 1.90 -36.15 -8.14
N CYS C 147 0.73 -35.85 -8.71
CA CYS C 147 -0.52 -36.25 -8.10
C CYS C 147 -0.64 -37.76 -8.03
N GLN C 148 -0.31 -38.45 -9.12
CA GLN C 148 -0.30 -39.91 -9.11
C GLN C 148 0.74 -40.45 -8.15
N SER C 149 1.86 -39.74 -7.98
CA SER C 149 2.91 -40.18 -7.07
C SER C 149 2.43 -40.16 -5.61
N LYS C 150 1.56 -39.23 -5.25
CA LYS C 150 1.07 -39.11 -3.87
C LYS C 150 -0.27 -39.82 -3.70
N GLY C 151 -0.36 -41.07 -4.15
CA GLY C 151 -1.57 -41.84 -3.95
C GLY C 151 -2.73 -41.46 -4.85
N GLY C 152 -2.46 -40.82 -5.99
CA GLY C 152 -3.50 -40.47 -6.94
C GLY C 152 -4.40 -39.33 -6.52
N ILE C 153 -3.81 -38.17 -6.23
CA ILE C 153 -4.58 -36.98 -5.83
C ILE C 153 -5.35 -36.45 -7.03
N PRO C 154 -6.65 -36.17 -6.91
CA PRO C 154 -7.38 -35.56 -8.03
C PRO C 154 -6.77 -34.23 -8.42
N TYR C 155 -6.60 -34.03 -9.71
CA TYR C 155 -5.97 -32.84 -10.25
C TYR C 155 -6.96 -32.06 -11.09
N PHE C 156 -6.99 -30.75 -10.90
CA PHE C 156 -7.86 -29.86 -11.65
C PHE C 156 -7.10 -28.61 -12.04
N GLU C 157 -7.51 -28.02 -13.15
CA GLU C 157 -6.96 -26.77 -13.63
C GLU C 157 -8.11 -25.80 -13.82
N THR C 158 -7.88 -24.53 -13.50
CA THR C 158 -8.94 -23.54 -13.58
C THR C 158 -8.33 -22.15 -13.78
N SER C 159 -9.21 -21.17 -13.94
CA SER C 159 -8.85 -19.77 -14.04
C SER C 159 -9.66 -18.97 -13.04
N ALA C 160 -9.12 -17.82 -12.63
CA ALA C 160 -9.87 -16.94 -11.75
C ALA C 160 -11.01 -16.23 -12.49
N LYS C 161 -10.93 -16.14 -13.82
CA LYS C 161 -11.97 -15.48 -14.60
C LYS C 161 -13.25 -16.31 -14.63
N ALA C 163 -13.63 -19.44 -11.70
CA ALA C 163 -14.60 -20.50 -11.51
C ALA C 163 -14.14 -21.81 -12.16
N ILE C 164 -14.87 -22.24 -13.19
CA ILE C 164 -14.58 -23.44 -13.98
C ILE C 164 -14.56 -24.69 -13.09
N ASN C 165 -13.38 -25.29 -12.93
CA ASN C 165 -13.27 -26.59 -12.26
C ASN C 165 -13.27 -26.49 -10.74
N VAL C 166 -13.27 -25.27 -10.19
CA VAL C 166 -13.23 -25.12 -8.74
C VAL C 166 -14.44 -25.80 -8.11
N GLU C 167 -15.62 -25.60 -8.69
CA GLU C 167 -16.82 -26.23 -8.15
C GLU C 167 -16.69 -27.75 -8.18
N GLU C 168 -16.13 -28.31 -9.26
CA GLU C 168 -15.99 -29.76 -9.32
C GLU C 168 -14.90 -30.24 -8.37
N ALA C 169 -13.86 -29.46 -8.16
CA ALA C 169 -12.78 -29.89 -7.27
C ALA C 169 -13.28 -30.02 -5.83
N PHE C 170 -14.20 -29.14 -5.42
CA PHE C 170 -14.65 -29.19 -4.04
C PHE C 170 -15.74 -30.25 -3.84
N GLN C 171 -16.55 -30.52 -4.87
CA GLN C 171 -17.49 -31.63 -4.75
C GLN C 171 -16.77 -32.96 -4.67
N VAL C 172 -15.61 -33.06 -5.33
CA VAL C 172 -14.83 -34.29 -5.26
C VAL C 172 -14.21 -34.45 -3.88
N ILE C 173 -13.61 -33.38 -3.36
CA ILE C 173 -12.93 -33.49 -2.08
C ILE C 173 -13.94 -33.65 -0.95
N ALA C 174 -15.13 -33.06 -1.09
CA ALA C 174 -16.16 -33.26 -0.09
C ALA C 174 -16.67 -34.69 -0.10
N ARG C 175 -16.84 -35.26 -1.30
CA ARG C 175 -17.30 -36.64 -1.40
C ARG C 175 -16.30 -37.59 -0.75
N ASN C 176 -15.01 -37.36 -0.95
CA ASN C 176 -14.02 -38.27 -0.38
C ASN C 176 -13.94 -38.13 1.14
N ALA C 177 -14.26 -36.95 1.66
CA ALA C 177 -14.27 -36.79 3.11
C ALA C 177 -15.41 -37.57 3.73
N LEU C 178 -16.57 -37.60 3.06
CA LEU C 178 -17.72 -38.31 3.60
C LEU C 178 -17.54 -39.82 3.56
N MET C 179 -16.65 -40.32 2.69
CA MET C 179 -16.39 -41.75 2.66
C MET C 179 -15.69 -42.22 3.94
N GLN C 180 -14.81 -41.38 4.48
CA GLN C 180 -14.07 -41.71 5.70
C GLN C 180 -14.99 -41.72 6.91
N ASP D 22 -11.78 6.48 -29.38
CA ASP D 22 -10.62 7.28 -29.00
C ASP D 22 -9.48 6.42 -28.49
N ASP D 23 -9.81 5.24 -27.96
CA ASP D 23 -8.77 4.35 -27.44
C ASP D 23 -7.84 3.89 -28.55
N GLU D 24 -8.41 3.42 -29.67
CA GLU D 24 -7.59 2.94 -30.76
C GLU D 24 -6.79 4.08 -31.40
N ARG D 25 -7.43 5.23 -31.59
CA ARG D 25 -6.71 6.37 -32.17
C ARG D 25 -5.54 6.78 -31.28
N LEU D 26 -5.75 6.86 -29.97
CA LEU D 26 -4.65 7.18 -29.07
C LEU D 26 -3.56 6.12 -29.14
N ALA D 27 -3.95 4.86 -29.33
CA ALA D 27 -2.95 3.81 -29.54
C ALA D 27 -2.23 4.00 -30.87
N LEU D 28 -2.97 4.31 -31.94
CA LEU D 28 -2.35 4.55 -33.24
C LEU D 28 -1.36 5.71 -33.17
N TRP D 29 -1.73 6.79 -32.48
CA TRP D 29 -0.84 7.94 -32.36
C TRP D 29 0.44 7.55 -31.66
N LYS D 30 0.32 6.88 -30.50
CA LYS D 30 1.51 6.42 -29.79
C LYS D 30 2.30 5.43 -30.62
N GLY D 31 1.66 4.73 -31.57
CA GLY D 31 2.31 3.71 -32.36
C GLY D 31 3.06 4.20 -33.58
N LYS D 32 2.86 5.45 -34.01
CA LYS D 32 3.59 5.97 -35.15
C LYS D 32 5.10 5.88 -34.89
N LEU D 33 5.85 5.69 -35.97
CA LEU D 33 7.30 5.55 -35.87
C LEU D 33 8.00 6.88 -35.61
N LYS D 34 7.40 7.98 -36.04
CA LYS D 34 8.04 9.28 -35.98
C LYS D 34 7.03 10.31 -35.51
N HIS D 35 7.38 11.04 -34.46
CA HIS D 35 6.53 12.10 -33.93
C HIS D 35 7.27 13.43 -33.97
N TYR D 36 6.51 14.50 -34.15
CA TYR D 36 7.02 15.85 -34.01
C TYR D 36 6.04 16.64 -33.17
N LEU D 37 6.51 17.20 -32.06
CA LEU D 37 5.67 17.96 -31.15
C LEU D 37 6.26 19.35 -30.95
N ILE D 38 5.43 20.37 -31.12
CA ILE D 38 5.81 21.76 -30.87
C ILE D 38 4.83 22.33 -29.86
N LEU D 39 5.35 22.85 -28.75
CA LEU D 39 4.54 23.39 -27.68
C LEU D 39 5.21 24.62 -27.10
N SER D 40 4.40 25.49 -26.48
CA SER D 40 4.95 26.66 -25.81
C SER D 40 5.50 26.28 -24.43
N SER D 41 6.28 27.20 -23.86
CA SER D 41 6.81 26.98 -22.51
C SER D 41 5.72 26.92 -21.46
N ALA D 42 4.49 27.30 -21.79
CA ALA D 42 3.36 27.10 -20.89
C ALA D 42 2.76 25.70 -21.00
N GLY D 43 3.19 24.91 -21.99
CA GLY D 43 2.60 23.61 -22.20
C GLY D 43 1.44 23.57 -23.17
N LYS D 44 1.07 24.70 -23.76
CA LYS D 44 -0.03 24.73 -24.72
C LYS D 44 0.45 24.21 -26.07
N PRO D 45 -0.22 23.20 -26.65
CA PRO D 45 0.24 22.65 -27.93
C PRO D 45 0.21 23.67 -29.05
N ILE D 46 1.23 23.62 -29.90
CA ILE D 46 1.32 24.47 -31.08
C ILE D 46 1.10 23.69 -32.35
N TRP D 47 1.81 22.57 -32.52
CA TRP D 47 1.62 21.75 -33.71
C TRP D 47 2.07 20.33 -33.43
N SER D 48 1.36 19.38 -34.04
CA SER D 48 1.71 17.97 -33.97
C SER D 48 1.55 17.35 -35.36
N ARG D 49 2.53 16.56 -35.77
CA ARG D 49 2.45 15.92 -37.09
C ARG D 49 1.25 14.98 -37.16
N HIS D 50 0.98 14.27 -36.07
CA HIS D 50 -0.14 13.35 -35.97
C HIS D 50 -1.01 13.75 -34.79
N GLY D 51 -2.30 13.45 -34.89
CA GLY D 51 -3.23 13.69 -33.81
C GLY D 51 -3.75 15.12 -33.80
N ASP D 52 -4.91 15.30 -33.18
CA ASP D 52 -5.55 16.60 -33.14
C ASP D 52 -5.38 17.22 -31.76
N LEU D 53 -5.94 18.41 -31.59
CA LEU D 53 -5.76 19.16 -30.35
C LEU D 53 -6.32 18.40 -29.16
N SER D 54 -7.48 17.77 -29.33
CA SER D 54 -8.15 17.09 -28.23
C SER D 54 -7.35 15.89 -27.74
N LEU D 55 -6.58 15.24 -28.61
CA LEU D 55 -5.91 13.99 -28.26
C LEU D 55 -4.51 14.18 -27.70
N VAL D 56 -3.77 15.18 -28.18
CA VAL D 56 -2.36 15.29 -27.85
C VAL D 56 -2.08 16.23 -26.68
N ASN D 57 -3.08 17.00 -26.23
CA ASN D 57 -2.78 18.07 -25.28
C ASN D 57 -2.28 17.52 -23.94
N SER D 58 -2.78 16.37 -23.51
CA SER D 58 -2.30 15.81 -22.25
C SER D 58 -0.83 15.41 -22.34
N THR D 59 -0.44 14.81 -23.48
CA THR D 59 0.96 14.47 -23.71
C THR D 59 1.82 15.73 -23.70
N MET D 60 1.31 16.83 -24.25
CA MET D 60 2.05 18.09 -24.24
C MET D 60 2.34 18.55 -22.82
N GLY D 61 1.33 18.48 -21.94
CA GLY D 61 1.54 18.90 -20.56
C GLY D 61 2.59 18.06 -19.85
N VAL D 62 2.56 16.75 -20.06
CA VAL D 62 3.57 15.88 -19.47
C VAL D 62 4.95 16.27 -19.95
N VAL D 63 5.08 16.56 -21.25
CA VAL D 63 6.37 16.92 -21.83
C VAL D 63 6.88 18.24 -21.26
N GLN D 64 6.01 19.25 -21.16
CA GLN D 64 6.43 20.53 -20.60
C GLN D 64 6.90 20.37 -19.15
N THR D 65 6.23 19.51 -18.37
CA THR D 65 6.60 19.34 -16.98
C THR D 65 7.97 18.68 -16.85
N ILE D 66 8.23 17.65 -17.65
CA ILE D 66 9.53 16.98 -17.62
C ILE D 66 10.64 17.94 -17.99
N ILE D 67 10.46 18.72 -19.06
CA ILE D 67 11.46 19.72 -19.45
C ILE D 67 11.64 20.74 -18.33
N SER D 68 10.57 21.06 -17.60
CA SER D 68 10.63 22.07 -16.56
C SER D 68 11.45 21.60 -15.36
N PHE D 69 11.44 20.30 -15.06
CA PHE D 69 12.29 19.81 -13.97
C PHE D 69 13.75 20.09 -14.26
N TYR D 70 14.19 19.80 -15.48
CA TYR D 70 15.58 20.04 -15.84
C TYR D 70 15.87 21.52 -16.01
N GLU D 71 14.89 22.31 -16.47
CA GLU D 71 15.07 23.76 -16.46
C GLU D 71 15.24 24.28 -15.03
N GLY D 72 14.38 23.81 -14.12
CA GLY D 72 14.48 24.24 -12.73
C GLY D 72 15.80 23.87 -12.09
N ALA D 73 16.38 22.75 -12.49
CA ALA D 73 17.68 22.33 -11.99
C ALA D 73 18.84 23.03 -12.67
N ARG D 74 18.55 23.97 -13.59
CA ARG D 74 19.59 24.67 -14.38
C ARG D 74 20.46 23.67 -15.14
N ASN D 75 19.84 22.59 -15.61
CA ASN D 75 20.55 21.54 -16.34
C ASN D 75 19.66 21.07 -17.48
N PRO D 76 19.65 21.80 -18.59
CA PRO D 76 18.66 21.54 -19.64
C PRO D 76 18.70 20.10 -20.14
N LEU D 77 17.53 19.61 -20.54
CA LEU D 77 17.36 18.25 -21.02
C LEU D 77 17.58 18.22 -22.53
N LEU D 78 18.49 17.36 -22.99
CA LEU D 78 18.76 17.24 -24.42
C LEU D 78 18.01 16.10 -25.10
N GLY D 79 17.76 15.01 -24.40
CA GLY D 79 17.06 13.88 -24.98
C GLY D 79 17.24 12.67 -24.09
N PHE D 80 16.53 11.61 -24.45
CA PHE D 80 16.66 10.37 -23.69
C PHE D 80 16.24 9.20 -24.58
N THR D 81 16.56 7.99 -24.11
CA THR D 81 16.41 6.76 -24.89
C THR D 81 15.63 5.73 -24.09
N ALA D 82 14.67 5.08 -24.74
CA ALA D 82 13.91 4.00 -24.12
C ALA D 82 13.77 2.89 -25.16
N GLY D 83 14.56 1.83 -25.02
CA GLY D 83 14.52 0.74 -25.97
C GLY D 83 14.94 1.21 -27.35
N LYS D 84 14.10 0.91 -28.33
CA LYS D 84 14.36 1.29 -29.72
C LYS D 84 13.76 2.65 -30.08
N VAL D 85 13.43 3.46 -29.09
CA VAL D 85 12.80 4.76 -29.31
C VAL D 85 13.73 5.85 -28.77
N ARG D 86 13.91 6.91 -29.55
CA ARG D 86 14.77 8.01 -29.16
C ARG D 86 13.92 9.27 -29.05
N PHE D 87 14.17 10.05 -28.01
CA PHE D 87 13.50 11.33 -27.78
C PHE D 87 14.56 12.41 -27.83
N VAL D 88 14.31 13.47 -28.59
CA VAL D 88 15.22 14.60 -28.67
C VAL D 88 14.44 15.88 -28.37
N ILE D 89 15.01 16.72 -27.52
CA ILE D 89 14.39 17.96 -27.06
C ILE D 89 15.17 19.13 -27.65
N LEU D 90 14.46 20.10 -28.21
CA LEU D 90 15.06 21.33 -28.69
C LEU D 90 14.29 22.51 -28.10
N ILE D 91 14.98 23.39 -27.40
CA ILE D 91 14.34 24.54 -26.75
C ILE D 91 14.84 25.80 -27.42
N LYS D 92 13.91 26.63 -27.91
CA LYS D 92 14.20 27.91 -28.54
C LYS D 92 13.29 28.94 -27.88
N GLY D 93 13.79 29.59 -26.82
CA GLY D 93 13.01 30.55 -26.09
C GLY D 93 11.75 29.90 -25.53
N PRO D 94 10.59 30.49 -25.83
CA PRO D 94 9.32 29.93 -25.33
C PRO D 94 8.81 28.73 -26.08
N LEU D 95 9.52 28.26 -27.10
CA LEU D 95 9.06 27.16 -27.92
C LEU D 95 9.82 25.89 -27.55
N TYR D 96 9.08 24.81 -27.32
CA TYR D 96 9.65 23.51 -27.02
C TYR D 96 9.41 22.58 -28.20
N PHE D 97 10.47 21.99 -28.71
CA PHE D 97 10.41 21.04 -29.81
C PHE D 97 10.79 19.66 -29.32
N VAL D 98 10.00 18.66 -29.69
CA VAL D 98 10.26 17.27 -29.34
C VAL D 98 10.15 16.41 -30.57
N ALA D 99 11.16 15.58 -30.82
CA ALA D 99 11.13 14.56 -31.86
C ALA D 99 11.18 13.19 -31.21
N ILE D 100 10.33 12.28 -31.67
CA ILE D 100 10.25 10.92 -31.15
C ILE D 100 10.37 9.96 -32.33
N SER D 101 11.40 9.10 -32.32
CA SER D 101 11.76 8.30 -33.48
C SER D 101 11.98 6.84 -33.12
N ARG D 102 11.34 5.95 -33.86
CA ARG D 102 11.63 4.52 -33.76
C ARG D 102 12.65 4.05 -34.77
N LEU D 103 13.04 4.90 -35.72
CA LEU D 103 14.07 4.57 -36.70
C LEU D 103 15.46 4.75 -36.08
N ARG D 104 16.45 4.19 -36.78
CA ARG D 104 17.84 4.30 -36.34
C ARG D 104 18.39 5.63 -36.83
N GLU D 105 17.99 6.69 -36.12
CA GLU D 105 18.38 8.06 -36.44
C GLU D 105 19.16 8.63 -35.28
N SER D 106 20.28 9.27 -35.57
CA SER D 106 21.12 9.79 -34.50
C SER D 106 20.46 11.00 -33.86
N ASP D 107 20.97 11.36 -32.69
CA ASP D 107 20.50 12.57 -32.01
C ASP D 107 20.75 13.80 -32.87
N ALA D 108 21.89 13.84 -33.55
CA ALA D 108 22.22 15.01 -34.37
C ALA D 108 21.26 15.14 -35.55
N GLN D 109 20.82 14.02 -36.12
CA GLN D 109 19.86 14.10 -37.21
C GLN D 109 18.51 14.61 -36.72
N LEU D 110 18.05 14.12 -35.57
CA LEU D 110 16.76 14.55 -35.04
C LEU D 110 16.80 16.01 -34.64
N ARG D 111 17.89 16.44 -34.00
CA ARG D 111 18.01 17.84 -33.62
C ARG D 111 18.01 18.75 -34.84
N ALA D 112 18.66 18.31 -35.92
CA ALA D 112 18.66 19.07 -37.17
C ALA D 112 17.28 19.14 -37.79
N GLN D 113 16.47 18.09 -37.66
CA GLN D 113 15.11 18.15 -38.19
C GLN D 113 14.27 19.14 -37.40
N LEU D 114 14.39 19.14 -36.07
CA LEU D 114 13.64 20.11 -35.26
C LEU D 114 14.11 21.54 -35.54
N GLU D 115 15.42 21.74 -35.74
CA GLU D 115 15.93 23.05 -36.11
C GLU D 115 15.29 23.55 -37.40
N ALA D 116 15.08 22.65 -38.37
CA ALA D 116 14.45 23.06 -39.63
C ALA D 116 13.00 23.48 -39.41
N LEU D 117 12.25 22.71 -38.62
CA LEU D 117 10.88 23.11 -38.30
C LEU D 117 10.86 24.45 -37.59
N TYR D 118 11.85 24.70 -36.72
CA TYR D 118 11.93 25.97 -36.02
C TYR D 118 12.11 27.12 -36.99
N MET D 119 12.92 26.93 -38.04
CA MET D 119 13.13 27.99 -39.02
C MET D 119 11.88 28.22 -39.86
N GLN D 120 11.11 27.17 -40.13
CA GLN D 120 9.84 27.35 -40.84
C GLN D 120 8.85 28.14 -39.99
N ILE D 121 8.72 27.78 -38.70
CA ILE D 121 7.88 28.55 -37.79
C ILE D 121 8.39 29.99 -37.70
N LEU D 122 9.70 30.16 -37.66
CA LEU D 122 10.31 31.47 -37.46
C LEU D 122 9.96 32.41 -38.61
N SER D 123 10.11 31.93 -39.84
CA SER D 123 9.79 32.76 -41.01
C SER D 123 8.32 33.18 -41.00
N THR D 124 7.43 32.27 -40.60
CA THR D 124 6.00 32.59 -40.64
C THR D 124 5.63 33.63 -39.61
N LEU D 125 6.24 33.59 -38.43
CA LEU D 125 5.84 34.47 -37.33
C LEU D 125 6.44 35.87 -37.44
N THR D 126 7.68 35.96 -37.92
CA THR D 126 8.42 37.21 -37.77
C THR D 126 7.84 38.32 -38.63
N LEU D 127 7.55 38.03 -39.89
CA LEU D 127 7.10 39.09 -40.80
C LEU D 127 5.87 39.82 -40.28
N PRO D 128 4.86 39.15 -39.71
CA PRO D 128 3.77 39.92 -39.09
C PRO D 128 4.21 40.73 -37.89
N ILE D 129 5.03 40.18 -36.98
CA ILE D 129 5.38 40.96 -35.80
C ILE D 129 6.37 42.05 -36.15
N LEU D 130 7.26 41.80 -37.12
CA LEU D 130 8.16 42.85 -37.56
C LEU D 130 7.38 44.00 -38.21
N THR D 131 6.37 43.68 -39.01
CA THR D 131 5.53 44.73 -39.57
C THR D 131 4.77 45.47 -38.47
N ASN D 132 4.28 44.75 -37.46
CA ASN D 132 3.59 45.42 -36.36
C ASN D 132 4.52 46.37 -35.63
N ILE D 133 5.78 45.95 -35.43
CA ILE D 133 6.75 46.78 -34.73
C ILE D 133 6.99 48.07 -35.51
N PHE D 134 7.30 47.95 -36.80
CA PHE D 134 7.59 49.14 -37.61
C PHE D 134 6.37 50.02 -37.82
N ALA D 135 5.15 49.50 -37.64
CA ALA D 135 3.98 50.36 -37.75
C ALA D 135 3.89 51.31 -36.55
N HIS D 136 4.24 50.84 -35.35
CA HIS D 136 4.19 51.72 -34.19
C HIS D 136 5.43 52.59 -34.07
N ARG D 137 6.59 52.12 -34.53
CA ARG D 137 7.83 52.89 -34.49
C ARG D 137 8.50 52.81 -35.86
N PRO D 138 8.12 53.70 -36.79
CA PRO D 138 8.69 53.62 -38.14
C PRO D 138 10.19 53.87 -38.21
N SER D 139 10.78 54.47 -37.17
CA SER D 139 12.19 54.84 -37.15
C SER D 139 13.07 53.77 -36.52
N THR D 140 12.55 52.56 -36.32
CA THR D 140 13.31 51.51 -35.66
C THR D 140 14.62 51.23 -36.38
N ASP D 141 15.71 51.24 -35.63
CA ASP D 141 17.06 50.97 -36.14
C ASP D 141 17.46 49.57 -35.67
N LEU D 142 17.51 48.62 -36.60
CA LEU D 142 17.83 47.23 -36.26
C LEU D 142 19.32 46.95 -36.21
N ARG D 143 20.17 47.96 -36.40
CA ARG D 143 21.61 47.74 -36.34
C ARG D 143 22.03 47.27 -34.95
N GLY D 144 21.37 47.78 -33.91
CA GLY D 144 21.63 47.36 -32.55
C GLY D 144 21.41 45.88 -32.32
N PRO D 145 20.17 45.42 -32.48
CA PRO D 145 19.88 44.00 -32.25
C PRO D 145 20.57 43.07 -33.22
N LEU D 146 21.18 43.59 -34.29
CA LEU D 146 21.92 42.76 -35.23
C LEU D 146 23.43 42.80 -35.00
N GLN D 147 23.89 43.56 -34.02
CA GLN D 147 25.32 43.62 -33.73
C GLN D 147 25.83 42.25 -33.34
N GLY D 148 26.96 41.85 -33.91
CA GLY D 148 27.52 40.52 -33.75
C GLY D 148 27.15 39.55 -34.86
N THR D 149 26.01 39.79 -35.52
CA THR D 149 25.57 39.01 -36.66
C THR D 149 26.16 39.50 -37.98
N GLU D 150 26.83 40.65 -37.98
CA GLU D 150 27.38 41.18 -39.23
C GLU D 150 28.39 40.21 -39.84
N SER D 151 29.25 39.62 -39.01
CA SER D 151 30.26 38.69 -39.50
C SER D 151 29.64 37.50 -40.21
N LEU D 152 28.57 36.95 -39.63
CA LEU D 152 27.89 35.83 -40.26
C LEU D 152 27.24 36.26 -41.58
N LEU D 153 26.69 37.46 -41.62
CA LEU D 153 26.15 37.97 -42.88
C LEU D 153 27.26 38.14 -43.90
N ALA D 154 28.42 38.65 -43.48
CA ALA D 154 29.52 38.86 -44.41
C ALA D 154 30.01 37.53 -44.97
N SER D 155 30.18 36.53 -44.11
CA SER D 155 30.67 35.24 -44.58
C SER D 155 29.67 34.60 -45.54
N LEU D 156 28.38 34.72 -45.25
CA LEU D 156 27.37 34.12 -46.10
C LEU D 156 27.37 34.79 -47.47
N ALA D 157 27.52 36.11 -47.50
CA ALA D 157 27.55 36.83 -48.76
C ALA D 157 28.76 36.45 -49.60
N ASP D 158 29.90 36.25 -48.94
CA ASP D 158 31.09 35.86 -49.68
C ASP D 158 30.96 34.46 -50.28
N SER D 159 30.23 33.55 -49.61
CA SER D 159 30.01 32.24 -50.20
C SER D 159 29.20 32.35 -51.49
N PHE D 160 28.28 33.30 -51.58
CA PHE D 160 27.52 33.49 -52.82
C PHE D 160 28.39 34.07 -53.91
N THR D 161 29.17 35.10 -53.60
CA THR D 161 29.96 35.71 -54.66
C THR D 161 31.01 34.74 -55.17
N LYS D 162 31.53 33.88 -54.30
CA LYS D 162 32.48 32.86 -54.74
C LYS D 162 31.79 31.76 -55.54
N GLY D 163 30.52 31.48 -55.23
CA GLY D 163 29.82 30.37 -55.86
C GLY D 163 29.56 30.56 -57.34
N SER D 164 29.21 31.78 -57.75
CA SER D 164 28.93 32.08 -59.14
C SER D 164 30.16 31.89 -60.03
N ILE E 14 37.04 20.79 -13.61
CA ILE E 14 36.62 19.63 -12.84
C ILE E 14 36.32 18.45 -13.75
N PRO E 15 37.02 17.33 -13.52
CA PRO E 15 36.80 16.16 -14.36
C PRO E 15 35.46 15.49 -14.04
N ALA E 16 34.98 14.71 -14.99
CA ALA E 16 33.70 14.02 -14.82
C ALA E 16 33.76 13.08 -13.61
N GLN E 17 32.66 13.04 -12.86
CA GLN E 17 32.58 12.19 -11.67
C GLN E 17 31.12 11.77 -11.48
N LEU E 18 30.92 10.83 -10.56
CA LEU E 18 29.59 10.34 -10.24
C LEU E 18 28.83 11.38 -9.42
N GLY E 19 27.71 11.86 -9.96
CA GLY E 19 26.90 12.86 -9.28
C GLY E 19 26.07 12.29 -8.14
N PHE E 20 25.19 11.34 -8.46
CA PHE E 20 24.47 10.62 -7.42
C PHE E 20 24.07 9.26 -7.96
N LEU E 21 23.83 8.34 -7.02
CA LEU E 21 23.30 7.03 -7.35
C LEU E 21 22.19 6.71 -6.36
N ALA E 22 21.10 6.16 -6.87
CA ALA E 22 19.97 5.77 -6.05
C ALA E 22 19.52 4.38 -6.44
N ILE E 23 19.14 3.59 -5.44
CA ILE E 23 18.48 2.32 -5.63
C ILE E 23 17.11 2.47 -5.01
N TYR E 24 16.06 2.24 -5.79
CA TYR E 24 14.71 2.40 -5.29
C TYR E 24 13.84 1.29 -5.83
N ASN E 25 12.73 1.06 -5.12
CA ASN E 25 11.69 0.12 -5.48
C ASN E 25 10.34 0.77 -5.22
N PRO E 26 9.61 1.17 -6.27
CA PRO E 26 8.35 1.90 -6.04
C PRO E 26 7.33 1.14 -5.23
N ALA E 27 7.34 -0.20 -5.27
CA ALA E 27 6.33 -0.97 -4.55
C ALA E 27 6.47 -0.81 -3.04
N LEU E 28 7.63 -0.38 -2.56
CA LEU E 28 7.86 -0.20 -1.14
C LEU E 28 7.22 1.05 -0.56
N GLY E 29 6.66 1.93 -1.40
CA GLY E 29 6.02 3.12 -0.88
C GLY E 29 4.96 3.65 -1.82
N THR E 30 3.72 3.23 -1.62
CA THR E 30 2.63 3.47 -2.55
C THR E 30 1.71 4.60 -2.13
N THR E 31 1.95 5.24 -0.99
CA THR E 31 1.21 6.41 -0.56
C THR E 31 2.18 7.57 -0.42
N ASP E 32 1.64 8.79 -0.31
CA ASP E 32 2.52 9.95 -0.21
C ASP E 32 3.26 9.97 1.12
N GLU E 33 2.67 9.39 2.17
CA GLU E 33 3.34 9.35 3.47
C GLU E 33 4.55 8.44 3.47
N THR E 34 4.58 7.45 2.58
CA THR E 34 5.66 6.47 2.57
C THR E 34 6.52 6.51 1.30
N LEU E 35 6.50 7.63 0.57
CA LEU E 35 7.27 7.72 -0.69
C LEU E 35 8.76 7.54 -0.45
N GLU E 36 9.28 8.12 0.63
CA GLU E 36 10.71 7.97 0.89
C GLU E 36 11.08 6.51 1.17
N ASP E 37 10.10 5.68 1.53
CA ASP E 37 10.43 4.27 1.74
C ASP E 37 10.79 3.55 0.45
N GLN E 38 10.52 4.15 -0.73
CA GLN E 38 10.93 3.52 -1.98
C GLN E 38 12.45 3.45 -2.09
N ILE E 39 13.15 4.36 -1.43
CA ILE E 39 14.59 4.50 -1.55
C ILE E 39 15.27 3.61 -0.53
N VAL E 40 16.09 2.67 -1.01
CA VAL E 40 16.87 1.82 -0.13
C VAL E 40 18.33 2.21 -0.08
N TYR E 41 18.80 3.05 -1.01
CA TYR E 41 20.18 3.50 -1.00
C TYR E 41 20.25 4.77 -1.84
N TYR E 42 21.02 5.74 -1.35
CA TYR E 42 21.20 7.01 -2.06
C TYR E 42 22.57 7.56 -1.69
N ALA E 43 23.40 7.81 -2.69
CA ALA E 43 24.74 8.32 -2.45
C ALA E 43 24.98 9.50 -3.36
N THR E 44 25.51 10.57 -2.80
CA THR E 44 25.89 11.75 -3.58
C THR E 44 27.40 11.93 -3.52
N ALA E 45 27.91 12.83 -4.36
CA ALA E 45 29.34 13.11 -4.37
C ALA E 45 29.82 13.50 -2.97
N SER E 46 28.99 14.22 -2.21
CA SER E 46 29.33 14.54 -0.83
C SER E 46 29.33 13.29 0.05
N THR E 47 28.37 12.39 -0.16
CA THR E 47 28.23 11.21 0.69
C THR E 47 29.38 10.23 0.51
N LEU E 48 30.04 10.24 -0.65
CA LEU E 48 31.15 9.32 -0.86
C LEU E 48 32.48 9.84 -0.31
N SER E 49 32.49 11.00 0.33
CA SER E 49 33.73 11.53 0.92
C SER E 49 33.44 12.53 2.03
N PRO E 93 22.58 14.97 9.44
CA PRO E 93 21.59 14.08 8.82
C PRO E 93 21.19 14.58 7.43
N VAL E 94 19.94 14.33 7.06
CA VAL E 94 19.39 14.73 5.76
C VAL E 94 18.34 15.80 6.03
N SER E 95 18.52 16.96 5.39
CA SER E 95 17.60 18.07 5.59
C SER E 95 16.30 17.86 4.81
N LYS E 96 15.31 18.67 5.15
CA LYS E 96 14.02 18.62 4.47
C LYS E 96 14.19 18.92 2.98
N GLU E 97 15.07 19.88 2.65
CA GLU E 97 15.32 20.22 1.26
C GLU E 97 15.98 19.06 0.52
N GLU E 98 17.01 18.46 1.13
CA GLU E 98 17.67 17.32 0.50
C GLU E 98 16.70 16.15 0.31
N ARG E 99 15.86 15.89 1.32
CA ARG E 99 14.88 14.82 1.18
C ARG E 99 13.90 15.11 0.05
N HIS E 100 13.45 16.37 -0.06
CA HIS E 100 12.60 16.75 -1.17
C HIS E 100 13.31 16.55 -2.50
N GLU E 101 14.60 16.92 -2.57
CA GLU E 101 15.31 16.81 -3.83
C GLU E 101 15.46 15.36 -4.27
N ARG E 102 15.72 14.45 -3.33
CA ARG E 102 15.81 13.03 -3.68
C ARG E 102 14.47 12.51 -4.18
N LEU E 103 13.37 12.84 -3.48
CA LEU E 103 12.06 12.43 -3.96
C LEU E 103 11.77 12.99 -5.34
N ARG E 104 12.27 14.20 -5.63
CA ARG E 104 12.07 14.77 -6.97
C ARG E 104 12.86 14.00 -8.02
N GLN E 105 14.11 13.63 -7.72
CA GLN E 105 14.92 12.85 -8.65
C GLN E 105 14.30 11.50 -8.94
N ILE E 106 13.87 10.80 -7.89
CA ILE E 106 13.28 9.47 -8.07
C ILE E 106 11.94 9.59 -8.78
N GLY E 107 11.14 10.58 -8.39
CA GLY E 107 9.86 10.78 -9.04
C GLY E 107 10.00 11.15 -10.51
N LEU E 108 10.96 12.03 -10.81
CA LEU E 108 11.19 12.37 -12.21
C LEU E 108 11.60 11.15 -13.02
N ALA E 109 12.43 10.27 -12.45
CA ALA E 109 12.80 9.05 -13.16
C ALA E 109 11.58 8.17 -13.39
N GLN E 110 10.74 7.99 -12.37
CA GLN E 110 9.54 7.17 -12.55
C GLN E 110 8.58 7.82 -13.54
N GLY E 111 8.42 9.15 -13.48
CA GLY E 111 7.54 9.82 -14.42
C GLY E 111 8.00 9.65 -15.86
N MET E 112 9.30 9.78 -16.10
CA MET E 112 9.81 9.60 -17.45
C MET E 112 9.65 8.17 -17.93
N VAL E 113 9.81 7.19 -17.03
CA VAL E 113 9.56 5.80 -17.40
C VAL E 113 8.12 5.63 -17.86
N GLU E 114 7.18 6.11 -17.05
CA GLU E 114 5.77 5.98 -17.41
C GLU E 114 5.47 6.65 -18.73
N PHE E 115 6.05 7.84 -18.96
CA PHE E 115 5.78 8.57 -20.18
C PHE E 115 6.34 7.83 -21.39
N ALA E 116 7.60 7.39 -21.32
CA ALA E 116 8.23 6.75 -22.46
C ALA E 116 7.64 5.37 -22.75
N LYS E 117 7.05 4.70 -21.75
CA LYS E 117 6.50 3.36 -21.99
C LYS E 117 5.39 3.39 -23.04
N SER E 118 4.69 4.51 -23.18
CA SER E 118 3.61 4.58 -24.17
C SER E 118 4.16 4.52 -25.59
N PHE E 119 5.41 4.94 -25.80
CA PHE E 119 6.00 5.00 -27.13
C PHE E 119 6.97 3.87 -27.42
N SER E 120 7.43 3.14 -26.41
CA SER E 120 8.52 2.19 -26.57
C SER E 120 8.09 0.73 -26.35
N ASP E 121 6.80 0.44 -26.50
CA ASP E 121 6.25 -0.91 -26.28
C ASP E 121 6.57 -1.42 -24.87
N GLY E 122 6.43 -0.53 -23.89
CA GLY E 122 6.65 -0.90 -22.50
C GLY E 122 8.08 -0.85 -22.03
N GLU E 123 9.01 -0.43 -22.89
CA GLU E 123 10.42 -0.40 -22.49
C GLU E 123 10.71 0.85 -21.67
N PRO E 124 11.39 0.72 -20.54
CA PRO E 124 11.66 1.89 -19.71
C PRO E 124 12.77 2.74 -20.29
N VAL E 125 12.83 3.99 -19.80
CA VAL E 125 13.97 4.85 -20.09
C VAL E 125 15.22 4.22 -19.51
N ASP E 126 16.29 4.17 -20.32
CA ASP E 126 17.56 3.66 -19.86
C ASP E 126 18.69 4.68 -19.84
N THR E 127 18.59 5.76 -20.63
CA THR E 127 19.61 6.78 -20.73
C THR E 127 18.94 8.14 -20.87
N ILE E 128 19.44 9.13 -20.13
CA ILE E 128 18.98 10.50 -20.25
C ILE E 128 20.19 11.39 -20.46
N ASP E 129 20.13 12.23 -21.49
CA ASP E 129 21.25 13.10 -21.85
C ASP E 129 20.85 14.53 -21.51
N THR E 130 21.57 15.14 -20.58
CA THR E 130 21.37 16.54 -20.23
C THR E 130 22.63 17.32 -20.54
N GLU E 131 22.53 18.64 -20.42
CA GLU E 131 23.67 19.48 -20.74
C GLU E 131 24.84 19.19 -19.82
N LYS E 132 24.57 18.86 -18.56
CA LYS E 132 25.61 18.75 -17.55
C LYS E 132 25.81 17.34 -17.02
N ALA E 133 24.93 16.39 -17.31
CA ALA E 133 25.02 15.08 -16.72
C ALA E 133 24.62 14.01 -17.72
N ARG E 134 25.21 12.82 -17.55
CA ARG E 134 24.80 11.63 -18.27
C ARG E 134 24.10 10.71 -17.27
N VAL E 135 22.82 10.45 -17.50
CA VAL E 135 21.98 9.74 -16.54
C VAL E 135 21.69 8.35 -17.08
N ILE E 136 21.84 7.34 -16.22
CA ILE E 136 21.61 5.95 -16.53
C ILE E 136 20.53 5.41 -15.61
N LEU E 137 19.61 4.63 -16.18
CA LEU E 137 18.54 4.01 -15.41
C LEU E 137 18.44 2.55 -15.83
N VAL E 138 18.60 1.65 -14.87
CA VAL E 138 18.59 0.22 -15.15
C VAL E 138 17.73 -0.47 -14.11
N GLU E 139 16.83 -1.34 -14.58
CA GLU E 139 16.04 -2.19 -13.70
C GLU E 139 16.81 -3.48 -13.50
N VAL E 140 17.44 -3.62 -12.34
CA VAL E 140 18.34 -4.76 -12.11
C VAL E 140 17.55 -6.04 -11.88
N GLU E 141 16.40 -5.96 -11.23
CA GLU E 141 15.45 -7.06 -11.16
C GLU E 141 14.07 -6.44 -11.10
N GLU E 142 13.04 -7.28 -11.22
CA GLU E 142 11.67 -6.77 -11.28
C GLU E 142 11.35 -5.89 -10.09
N GLY E 143 11.14 -4.61 -10.31
CA GLY E 143 10.74 -3.69 -9.27
C GLY E 143 11.86 -2.87 -8.66
N TRP E 144 13.10 -3.28 -8.87
CA TRP E 144 14.26 -2.63 -8.28
C TRP E 144 15.05 -1.88 -9.34
N TRP E 145 15.30 -0.60 -9.09
CA TRP E 145 15.87 0.29 -10.09
C TRP E 145 17.14 0.92 -9.56
N ILE E 146 18.11 1.12 -10.45
CA ILE E 146 19.31 1.88 -10.13
C ILE E 146 19.32 3.12 -11.02
N LEU E 147 19.38 4.29 -10.40
CA LEU E 147 19.42 5.56 -11.10
C LEU E 147 20.78 6.20 -10.82
N ALA E 148 21.54 6.49 -11.87
CA ALA E 148 22.88 7.02 -11.70
C ALA E 148 23.07 8.22 -12.60
N SER E 149 23.51 9.33 -12.01
CA SER E 149 23.79 10.57 -12.73
C SER E 149 25.30 10.84 -12.66
N ILE E 150 25.95 10.91 -13.82
CA ILE E 150 27.39 11.17 -13.89
C ILE E 150 27.58 12.61 -14.35
N ASP E 151 28.17 13.43 -13.48
CA ASP E 151 28.49 14.80 -13.87
C ASP E 151 29.55 14.80 -14.96
N LEU E 152 29.34 15.63 -15.99
CA LEU E 152 30.30 15.69 -17.08
C LEU E 152 31.50 16.55 -16.68
N THR E 153 32.51 16.55 -17.54
CA THR E 153 33.68 17.36 -17.30
C THR E 153 33.33 18.84 -17.46
N ARG E 154 33.63 19.62 -16.42
CA ARG E 154 33.40 21.06 -16.45
C ARG E 154 34.72 21.75 -16.80
N LEU E 155 34.75 22.42 -17.94
CA LEU E 155 35.93 23.15 -18.38
C LEU E 155 35.53 24.58 -18.76
N PRO E 156 36.29 25.60 -18.32
CA PRO E 156 36.00 27.00 -18.61
C PRO E 156 36.74 27.52 -19.85
N TYR E 184 30.34 27.66 -17.65
CA TYR E 184 31.48 26.89 -18.15
C TYR E 184 31.02 26.02 -19.31
N GLU E 185 31.95 25.28 -19.89
CA GLU E 185 31.64 24.33 -20.95
C GLU E 185 31.71 22.90 -20.40
N TYR E 186 30.81 22.05 -20.89
CA TYR E 186 30.68 20.69 -20.39
C TYR E 186 30.98 19.71 -21.51
N SER E 187 31.72 18.66 -21.18
CA SER E 187 32.18 17.69 -22.17
C SER E 187 31.96 16.27 -21.67
N SER E 188 31.69 15.38 -22.62
CA SER E 188 31.50 13.96 -22.33
C SER E 188 32.53 13.09 -23.04
N ARG E 189 33.65 13.67 -23.51
CA ARG E 189 34.66 12.89 -24.22
C ARG E 189 35.36 11.91 -23.29
N GLU E 190 35.67 12.34 -22.06
CA GLU E 190 36.33 11.46 -21.11
C GLU E 190 35.41 10.38 -20.54
N VAL E 191 34.08 10.52 -20.71
CA VAL E 191 33.10 9.69 -20.01
C VAL E 191 32.85 8.39 -20.77
N LYS E 192 32.70 7.31 -20.02
CA LYS E 192 32.32 6.02 -20.59
C LYS E 192 30.96 6.13 -21.30
N PRO E 193 30.75 5.33 -22.33
CA PRO E 193 29.44 5.31 -23.00
C PRO E 193 28.37 4.82 -22.05
N PRO E 194 27.10 5.16 -22.32
CA PRO E 194 26.02 4.71 -21.42
C PRO E 194 25.94 3.20 -21.30
N SER E 195 26.13 2.46 -22.40
CA SER E 195 26.05 1.01 -22.34
C SER E 195 27.12 0.42 -21.43
N LEU E 196 28.28 1.06 -21.36
CA LEU E 196 29.34 0.57 -20.48
C LEU E 196 29.02 0.88 -19.03
N LEU E 197 28.56 2.10 -18.74
CA LEU E 197 28.16 2.43 -17.37
C LEU E 197 27.07 1.47 -16.89
N ARG E 198 26.13 1.14 -17.77
CA ARG E 198 25.07 0.20 -17.40
C ARG E 198 25.66 -1.17 -17.05
N ALA E 199 26.60 -1.65 -17.86
CA ALA E 199 27.23 -2.95 -17.59
C ALA E 199 28.05 -2.92 -16.30
N ASP E 200 28.64 -1.77 -15.97
CA ASP E 200 29.35 -1.67 -14.70
C ASP E 200 28.39 -1.82 -13.52
N LEU E 201 27.24 -1.14 -13.58
CA LEU E 201 26.27 -1.23 -12.50
C LEU E 201 25.64 -2.62 -12.42
N LEU E 202 25.42 -3.25 -13.58
CA LEU E 202 24.89 -4.61 -13.58
C LEU E 202 25.88 -5.59 -12.98
N ARG E 203 27.17 -5.41 -13.26
CA ARG E 203 28.18 -6.28 -12.67
C ARG E 203 28.24 -6.10 -11.16
N ALA E 204 28.15 -4.86 -10.68
CA ALA E 204 28.14 -4.62 -9.24
C ALA E 204 26.94 -5.29 -8.58
N TYR E 205 25.76 -5.20 -9.23
CA TYR E 205 24.57 -5.85 -8.72
C TYR E 205 24.77 -7.36 -8.61
N ASP E 206 25.24 -7.98 -9.69
CA ASP E 206 25.51 -9.42 -9.67
C ASP E 206 26.53 -9.75 -8.58
N LEU E 207 27.51 -8.86 -8.39
CA LEU E 207 28.53 -9.11 -7.37
C LEU E 207 27.93 -9.02 -5.98
N PHE E 208 27.05 -8.05 -5.75
CA PHE E 208 26.39 -7.93 -4.46
C PHE E 208 25.56 -9.15 -4.15
N LEU E 209 24.82 -9.66 -5.14
CA LEU E 209 24.01 -10.85 -4.90
C LEU E 209 24.87 -12.06 -4.60
N LEU E 210 26.02 -12.18 -5.27
CA LEU E 210 26.91 -13.31 -5.04
C LEU E 210 27.32 -13.41 -3.58
N HIS E 211 27.35 -12.29 -2.87
CA HIS E 211 27.82 -12.28 -1.49
C HIS E 211 26.69 -12.19 -0.48
N HIS E 212 25.43 -12.20 -0.90
CA HIS E 212 24.38 -11.95 0.08
C HIS E 212 23.12 -12.80 -0.10
N GLY E 213 22.68 -13.04 -1.33
CA GLY E 213 21.44 -13.78 -1.49
C GLY E 213 21.08 -13.96 -2.94
N SER E 214 19.87 -14.47 -3.16
CA SER E 214 19.40 -14.77 -4.51
C SER E 214 18.94 -13.50 -5.23
N SER E 215 18.23 -12.62 -4.54
CA SER E 215 17.69 -11.41 -5.15
C SER E 215 17.45 -10.38 -4.05
N LEU E 216 17.27 -9.13 -4.47
CA LEU E 216 16.93 -8.09 -3.51
C LEU E 216 15.60 -8.39 -2.84
N SER E 217 14.63 -8.90 -3.60
CA SER E 217 13.34 -9.22 -3.00
C SER E 217 13.47 -10.32 -1.95
N SER E 218 14.20 -11.38 -2.27
CA SER E 218 14.39 -12.46 -1.29
C SER E 218 15.12 -11.95 -0.07
N LEU E 219 16.17 -11.13 -0.27
CA LEU E 219 16.89 -10.58 0.86
C LEU E 219 15.98 -9.70 1.71
N LEU E 220 15.09 -8.94 1.08
CA LEU E 220 14.19 -8.09 1.84
C LEU E 220 13.28 -8.93 2.71
N ALA E 221 12.80 -10.06 2.19
CA ALA E 221 11.91 -10.91 2.97
C ALA E 221 12.68 -11.66 4.06
N SER E 222 13.89 -12.12 3.76
CA SER E 222 14.59 -12.97 4.70
C SER E 222 15.13 -12.17 5.88
N GLN E 223 15.86 -11.09 5.60
CA GLN E 223 16.56 -10.38 6.66
C GLN E 223 15.95 -9.02 7.00
N GLY E 224 14.91 -8.61 6.29
CA GLY E 224 14.21 -7.38 6.64
C GLY E 224 14.87 -6.15 6.06
N ARG E 225 14.15 -5.04 6.15
CA ARG E 225 14.55 -3.81 5.48
C ARG E 225 15.79 -3.19 6.12
N ALA E 226 15.83 -3.14 7.46
CA ALA E 226 16.95 -2.47 8.13
C ALA E 226 18.28 -3.12 7.76
N GLN E 227 18.33 -4.44 7.78
CA GLN E 227 19.59 -5.11 7.47
C GLN E 227 19.93 -5.01 5.99
N LEU E 228 18.92 -5.06 5.11
CA LEU E 228 19.19 -4.97 3.68
C LEU E 228 19.79 -3.61 3.32
N VAL E 229 19.23 -2.53 3.87
CA VAL E 229 19.77 -1.20 3.61
C VAL E 229 21.21 -1.10 4.14
N ALA E 230 21.44 -1.60 5.36
CA ALA E 230 22.80 -1.57 5.91
C ALA E 230 23.76 -2.39 5.06
N SER E 231 23.31 -3.55 4.56
CA SER E 231 24.14 -4.36 3.69
C SER E 231 24.37 -3.68 2.34
N LEU E 232 23.34 -3.03 1.79
CA LEU E 232 23.51 -2.28 0.55
C LEU E 232 24.46 -1.10 0.74
N THR E 233 24.39 -0.43 1.89
CA THR E 233 25.21 0.75 2.12
C THR E 233 26.69 0.40 2.20
N ARG E 234 27.04 -0.69 2.90
CA ARG E 234 28.45 -1.08 2.98
C ARG E 234 29.01 -1.42 1.60
N PHE E 235 28.22 -2.12 0.78
CA PHE E 235 28.71 -2.56 -0.52
C PHE E 235 28.85 -1.38 -1.48
N TRP E 236 27.79 -0.58 -1.63
CA TRP E 236 27.81 0.45 -2.67
C TRP E 236 28.70 1.63 -2.29
N ASP E 237 28.80 1.98 -1.01
CA ASP E 237 29.71 3.07 -0.63
C ASP E 237 31.14 2.71 -0.99
N HIS E 238 31.53 1.46 -0.77
CA HIS E 238 32.89 1.05 -1.12
C HIS E 238 33.06 0.92 -2.62
N PHE E 239 32.02 0.44 -3.33
CA PHE E 239 32.14 0.31 -4.77
C PHE E 239 32.15 1.67 -5.46
N LEU E 240 31.27 2.58 -5.04
CA LEU E 240 31.19 3.88 -5.70
C LEU E 240 32.44 4.72 -5.46
N ALA E 241 33.15 4.47 -4.35
CA ALA E 241 34.39 5.21 -4.12
C ALA E 241 35.46 4.82 -5.13
N THR E 242 35.47 3.56 -5.59
CA THR E 242 36.46 3.07 -6.54
C THR E 242 35.98 3.06 -7.98
N TRP E 243 34.68 3.19 -8.22
CA TRP E 243 34.14 3.10 -9.57
C TRP E 243 34.59 4.30 -10.39
N ASN E 244 35.23 4.05 -11.52
CA ASN E 244 35.76 5.10 -12.38
C ASN E 244 34.80 5.35 -13.54
N VAL E 245 34.26 6.56 -13.64
CA VAL E 245 33.35 6.91 -14.73
C VAL E 245 34.10 7.37 -15.99
N LEU E 246 35.41 7.59 -15.90
CA LEU E 246 36.20 8.02 -17.05
C LEU E 246 36.64 6.83 -17.89
N LEU E 247 37.09 7.10 -19.11
CA LEU E 247 37.64 6.04 -19.95
C LEU E 247 38.94 5.49 -19.38
N HIS E 248 39.84 6.38 -18.97
CA HIS E 248 41.11 5.94 -18.38
C HIS E 248 41.59 6.89 -17.30
N LYS F 8 -9.85 26.10 -33.38
CA LYS F 8 -10.42 25.57 -32.15
C LYS F 8 -9.81 26.27 -30.93
N VAL F 9 -10.66 26.65 -29.98
CA VAL F 9 -10.22 27.36 -28.79
C VAL F 9 -9.56 26.39 -27.83
N LEU F 10 -8.45 26.82 -27.22
CA LEU F 10 -7.73 26.05 -26.22
C LEU F 10 -7.57 26.90 -24.96
N LEU F 11 -7.91 26.32 -23.82
CA LEU F 11 -7.79 26.99 -22.53
C LEU F 11 -6.93 26.14 -21.60
N LYS F 12 -5.98 26.77 -20.91
CA LYS F 12 -5.18 26.11 -19.90
C LYS F 12 -5.80 26.41 -18.53
N VAL F 13 -6.32 25.38 -17.87
CA VAL F 13 -7.05 25.51 -16.62
C VAL F 13 -6.25 24.85 -15.51
N ILE F 14 -5.98 25.61 -14.45
CA ILE F 14 -5.28 25.11 -13.27
C ILE F 14 -6.32 24.74 -12.22
N ILE F 15 -6.23 23.51 -11.72
CA ILE F 15 -7.09 23.04 -10.64
C ILE F 15 -6.24 22.98 -9.39
N LEU F 16 -6.50 23.88 -8.46
CA LEU F 16 -5.77 23.95 -7.20
C LEU F 16 -6.63 23.42 -6.07
N GLY F 17 -5.98 22.99 -5.01
CA GLY F 17 -6.68 22.46 -3.87
C GLY F 17 -5.78 21.55 -3.05
N ASP F 18 -6.16 21.40 -1.79
CA ASP F 18 -5.40 20.55 -0.89
C ASP F 18 -5.49 19.09 -1.31
N SER F 19 -4.39 18.38 -1.12
CA SER F 19 -4.39 16.95 -1.39
C SER F 19 -5.44 16.28 -0.50
N GLY F 20 -6.14 15.31 -1.07
CA GLY F 20 -7.17 14.58 -0.34
C GLY F 20 -8.52 15.25 -0.30
N VAL F 21 -8.67 16.41 -0.94
CA VAL F 21 -9.96 17.08 -0.99
C VAL F 21 -10.93 16.29 -1.87
N GLY F 22 -10.43 15.60 -2.88
CA GLY F 22 -11.26 14.82 -3.77
C GLY F 22 -11.27 15.32 -5.19
N LYS F 23 -10.14 15.90 -5.63
CA LYS F 23 -10.12 16.47 -6.98
C LYS F 23 -10.05 15.39 -8.04
N THR F 24 -9.30 14.30 -7.78
CA THR F 24 -9.14 13.24 -8.76
C THR F 24 -10.44 12.49 -9.01
N SER F 25 -11.09 12.04 -7.95
CA SER F 25 -12.36 11.33 -8.13
C SER F 25 -13.41 12.24 -8.76
N LEU F 26 -13.34 13.55 -8.50
CA LEU F 26 -14.31 14.47 -9.07
C LEU F 26 -14.05 14.68 -10.56
N MET F 27 -12.80 14.94 -10.93
CA MET F 27 -12.46 15.15 -12.34
C MET F 27 -12.64 13.89 -13.17
N ASN F 28 -12.54 12.71 -12.53
CA ASN F 28 -12.70 11.45 -13.27
C ASN F 28 -14.10 11.37 -13.89
N GLN F 29 -15.12 11.84 -13.18
CA GLN F 29 -16.47 11.83 -13.73
C GLN F 29 -16.61 12.81 -14.89
N TYR F 30 -15.85 13.91 -14.87
CA TYR F 30 -16.01 14.97 -15.86
C TYR F 30 -15.08 14.78 -17.06
N VAL F 31 -13.78 14.67 -16.81
CA VAL F 31 -12.80 14.72 -17.89
C VAL F 31 -12.91 13.46 -18.73
N ASN F 32 -12.29 13.47 -19.89
CA ASN F 32 -12.17 12.28 -20.74
C ASN F 32 -11.07 11.42 -20.16
N LYS F 33 -11.45 10.35 -19.45
CA LYS F 33 -10.46 9.47 -18.84
C LYS F 33 -9.53 8.85 -19.89
N LYS F 34 -10.02 8.68 -21.12
CA LYS F 34 -9.20 8.04 -22.15
C LYS F 34 -7.95 8.84 -22.46
N PHE F 35 -7.98 10.15 -22.24
CA PHE F 35 -6.84 11.01 -22.50
C PHE F 35 -6.16 11.52 -21.24
N SER F 36 -6.60 11.11 -20.06
CA SER F 36 -5.98 11.57 -18.82
C SER F 36 -4.57 11.05 -18.71
N ALA F 37 -3.73 11.80 -17.98
CA ALA F 37 -2.36 11.41 -17.67
C ALA F 37 -2.13 11.62 -16.18
N SER F 38 -1.90 10.52 -15.45
CA SER F 38 -1.81 10.53 -13.99
C SER F 38 -0.35 10.55 -13.57
N TYR F 39 0.11 11.71 -13.07
CA TYR F 39 1.50 11.86 -12.66
C TYR F 39 1.65 12.65 -11.37
N LYS F 40 0.60 12.70 -10.53
CA LYS F 40 0.65 13.52 -9.33
C LYS F 40 1.79 13.09 -8.40
N ALA F 41 1.90 11.79 -8.12
CA ALA F 41 2.91 11.35 -7.16
C ALA F 41 4.32 11.51 -7.71
N THR F 42 4.49 11.47 -9.03
CA THR F 42 5.84 11.47 -9.63
C THR F 42 6.33 12.88 -9.93
N ILE F 43 5.68 13.58 -10.85
CA ILE F 43 6.15 14.89 -11.29
C ILE F 43 5.20 16.01 -10.91
N GLY F 44 4.18 15.74 -10.10
CA GLY F 44 3.44 16.78 -9.41
C GLY F 44 2.11 17.22 -9.98
N ALA F 45 1.57 16.52 -10.96
CA ALA F 45 0.28 16.94 -11.50
C ALA F 45 -0.37 15.81 -12.30
N ASP F 46 -1.69 15.89 -12.41
CA ASP F 46 -2.47 15.13 -13.39
C ASP F 46 -2.81 16.05 -14.56
N PHE F 47 -2.76 15.50 -15.77
CA PHE F 47 -3.02 16.26 -16.99
C PHE F 47 -4.28 15.71 -17.65
N LEU F 48 -5.37 16.50 -17.59
CA LEU F 48 -6.69 16.09 -18.03
C LEU F 48 -7.17 16.99 -19.17
N THR F 49 -8.20 16.52 -19.89
CA THR F 49 -8.76 17.29 -20.99
C THR F 49 -10.24 16.98 -21.12
N ARG F 50 -10.98 17.93 -21.70
CA ARG F 50 -12.42 17.82 -21.87
C ARG F 50 -12.89 18.88 -22.85
N GLU F 51 -13.90 18.54 -23.65
CA GLU F 51 -14.48 19.47 -24.61
C GLU F 51 -15.62 20.24 -23.95
N VAL F 52 -15.64 21.56 -24.17
CA VAL F 52 -16.65 22.44 -23.60
C VAL F 52 -17.28 23.25 -24.72
N MET F 53 -18.61 23.37 -24.68
CA MET F 53 -19.36 24.14 -25.66
C MET F 53 -19.59 25.55 -25.13
N VAL F 54 -19.10 26.55 -25.86
CA VAL F 54 -19.34 27.96 -25.54
C VAL F 54 -19.94 28.67 -26.74
N ARG F 57 -19.95 26.77 -30.60
CA ARG F 57 -18.49 26.77 -30.66
C ARG F 57 -17.91 25.65 -29.80
N GLN F 58 -16.83 25.04 -30.27
CA GLN F 58 -16.16 23.96 -29.56
C GLN F 58 -14.88 24.47 -28.90
N VAL F 59 -14.75 24.22 -27.60
CA VAL F 59 -13.60 24.64 -26.81
C VAL F 59 -12.95 23.40 -26.21
N THR F 60 -11.63 23.27 -26.39
CA THR F 60 -10.85 22.21 -25.76
C THR F 60 -10.11 22.77 -24.55
N MET F 61 -10.32 22.15 -23.39
CA MET F 61 -9.69 22.58 -22.15
C MET F 61 -8.57 21.64 -21.76
N GLN F 62 -7.45 22.24 -21.35
CA GLN F 62 -6.28 21.50 -20.86
C GLN F 62 -6.20 21.71 -19.34
N LEU F 63 -6.48 20.65 -18.59
CA LEU F 63 -6.66 20.71 -17.14
C LEU F 63 -5.39 20.25 -16.43
N TRP F 64 -4.85 21.10 -15.55
CA TRP F 64 -3.64 20.80 -14.78
C TRP F 64 -4.00 20.69 -13.29
N ASP F 65 -4.12 19.46 -12.80
CA ASP F 65 -4.50 19.21 -11.40
C ASP F 65 -3.23 18.99 -10.59
N THR F 66 -2.78 20.03 -9.90
CA THR F 66 -1.52 19.97 -9.17
C THR F 66 -1.65 19.07 -7.96
N ALA F 67 -0.54 18.39 -7.62
CA ALA F 67 -0.54 17.47 -6.49
C ALA F 67 -0.60 18.22 -5.16
N GLY F 68 -0.10 19.45 -5.12
CA GLY F 68 -0.14 20.24 -3.90
C GLY F 68 0.86 19.84 -2.84
N GLN F 69 1.76 18.90 -3.12
CA GLN F 69 2.77 18.49 -2.16
C GLN F 69 3.88 19.53 -2.06
N GLU F 70 4.54 19.54 -0.89
CA GLU F 70 5.54 20.58 -0.60
C GLU F 70 6.72 20.52 -1.57
N ARG F 71 7.17 19.32 -1.93
CA ARG F 71 8.38 19.21 -2.75
C ARG F 71 8.21 19.75 -4.16
N PHE F 72 6.99 20.10 -4.56
CA PHE F 72 6.74 20.63 -5.89
C PHE F 72 6.56 22.15 -5.89
N GLN F 73 6.72 22.80 -4.75
CA GLN F 73 6.39 24.23 -4.65
C GLN F 73 7.26 25.08 -5.56
N SER F 74 8.57 24.77 -5.63
CA SER F 74 9.47 25.54 -6.46
C SER F 74 9.06 25.46 -7.93
N LEU F 75 8.50 24.35 -8.36
CA LEU F 75 8.09 24.18 -9.74
C LEU F 75 6.76 24.88 -10.06
N GLY F 76 6.20 25.62 -9.10
CA GLY F 76 4.98 26.34 -9.39
C GLY F 76 5.14 27.36 -10.50
N VAL F 77 6.35 27.88 -10.67
CA VAL F 77 6.61 28.82 -11.77
C VAL F 77 6.30 28.16 -13.11
N ALA F 78 6.69 26.90 -13.28
CA ALA F 78 6.42 26.22 -14.54
C ALA F 78 5.00 25.68 -14.62
N PHE F 79 4.47 25.17 -13.49
CA PHE F 79 3.09 24.67 -13.46
C PHE F 79 2.08 25.74 -13.88
N TYR F 80 2.18 26.93 -13.28
CA TYR F 80 1.16 27.95 -13.47
C TYR F 80 1.43 28.87 -14.66
N ARG F 81 2.56 28.71 -15.36
CA ARG F 81 2.93 29.63 -16.43
C ARG F 81 1.92 29.59 -17.56
N GLY F 82 1.44 30.78 -17.94
CA GLY F 82 0.51 30.87 -19.05
C GLY F 82 -0.90 30.38 -18.77
N ALA F 83 -1.26 30.21 -17.50
CA ALA F 83 -2.60 29.76 -17.17
C ALA F 83 -3.64 30.76 -17.64
N ASP F 84 -4.74 30.25 -18.20
CA ASP F 84 -5.85 31.10 -18.64
C ASP F 84 -6.85 31.35 -17.52
N CYS F 85 -7.11 30.35 -16.68
CA CYS F 85 -8.02 30.47 -15.56
C CYS F 85 -7.65 29.44 -14.50
N CYS F 86 -8.17 29.65 -13.29
CA CYS F 86 -7.76 28.84 -12.14
C CYS F 86 -8.98 28.45 -11.33
N VAL F 87 -9.01 27.18 -10.91
CA VAL F 87 -10.10 26.64 -10.11
C VAL F 87 -9.57 26.31 -8.73
N LEU F 88 -10.28 26.77 -7.70
CA LEU F 88 -9.90 26.52 -6.31
C LEU F 88 -10.90 25.54 -5.72
N VAL F 89 -10.40 24.42 -5.20
CA VAL F 89 -11.25 23.31 -4.76
C VAL F 89 -11.05 23.09 -3.27
N PHE F 90 -12.17 22.87 -2.57
CA PHE F 90 -12.17 22.47 -1.17
C PHE F 90 -13.28 21.47 -0.94
N ASP F 91 -13.19 20.76 0.17
CA ASP F 91 -14.22 19.84 0.61
C ASP F 91 -15.06 20.53 1.67
N VAL F 92 -16.39 20.48 1.52
CA VAL F 92 -17.27 21.16 2.46
C VAL F 92 -17.18 20.58 3.87
N ASN F 93 -16.67 19.35 4.00
CA ASN F 93 -16.47 18.74 5.31
C ASN F 93 -15.10 19.05 5.93
N ASN F 94 -14.11 19.41 5.12
CA ASN F 94 -12.74 19.69 5.59
C ASN F 94 -12.59 21.19 5.78
N ALA F 95 -12.61 21.64 7.04
CA ALA F 95 -12.48 23.07 7.31
C ALA F 95 -11.11 23.60 6.90
N LYS F 96 -10.06 22.80 7.11
CA LYS F 96 -8.71 23.24 6.77
C LYS F 96 -8.56 23.49 5.26
N SER F 97 -9.25 22.71 4.43
CA SER F 97 -9.15 22.88 2.99
C SER F 97 -9.76 24.20 2.53
N PHE F 98 -10.82 24.66 3.19
CA PHE F 98 -11.40 25.95 2.85
C PHE F 98 -10.46 27.09 3.22
N ASP F 99 -9.82 27.00 4.40
CA ASP F 99 -8.89 28.03 4.83
C ASP F 99 -7.70 28.12 3.90
N ALA F 100 -7.34 27.03 3.23
CA ALA F 100 -6.19 27.03 2.34
C ALA F 100 -6.43 27.79 1.05
N LEU F 101 -7.69 28.11 0.71
CA LEU F 101 -7.96 28.80 -0.54
C LEU F 101 -7.29 30.16 -0.61
N ASP F 102 -7.10 30.83 0.53
CA ASP F 102 -6.45 32.14 0.53
C ASP F 102 -4.96 32.01 0.22
N SER F 103 -4.30 30.95 0.67
CA SER F 103 -2.89 30.76 0.38
C SER F 103 -2.65 30.27 -1.05
N TRP F 104 -3.57 29.45 -1.58
CA TRP F 104 -3.44 28.95 -2.95
C TRP F 104 -3.59 30.07 -3.98
N ARG F 105 -4.56 30.96 -3.78
CA ARG F 105 -4.81 32.01 -4.75
C ARG F 105 -3.67 33.03 -4.79
N ASP F 106 -3.13 33.38 -3.62
CA ASP F 106 -2.06 34.37 -3.58
C ASP F 106 -0.77 33.83 -4.18
N GLU F 107 -0.40 32.59 -3.87
CA GLU F 107 0.81 32.01 -4.46
C GLU F 107 0.68 31.80 -5.97
N PHE F 108 -0.54 31.49 -6.44
CA PHE F 108 -0.76 31.36 -7.87
C PHE F 108 -0.48 32.68 -8.59
N LEU F 109 -1.03 33.77 -8.06
CA LEU F 109 -0.79 35.09 -8.64
C LEU F 109 0.68 35.47 -8.60
N ILE F 110 1.42 34.98 -7.61
CA ILE F 110 2.84 35.33 -7.49
C ILE F 110 3.67 34.56 -8.48
N GLN F 111 3.47 33.25 -8.56
CA GLN F 111 4.33 32.42 -9.42
C GLN F 111 3.93 32.54 -10.89
N ALA F 112 2.63 32.60 -11.18
CA ALA F 112 2.20 32.75 -12.56
C ALA F 112 2.43 34.17 -13.05
N SER F 113 2.24 35.16 -12.17
CA SER F 113 2.41 36.57 -12.51
C SER F 113 1.64 36.96 -13.77
N PRO F 114 0.31 36.82 -13.78
CA PRO F 114 -0.46 37.07 -15.00
C PRO F 114 -0.68 38.55 -15.27
N PRO F 117 -4.70 40.83 -14.49
CA PRO F 117 -4.37 40.05 -13.29
C PRO F 117 -5.42 40.21 -12.19
N GLU F 118 -5.99 41.41 -12.08
CA GLU F 118 -7.03 41.67 -11.10
C GLU F 118 -8.37 41.08 -11.49
N ASN F 119 -8.55 40.73 -12.76
CA ASN F 119 -9.77 40.11 -13.27
C ASN F 119 -9.54 38.69 -13.75
N PHE F 120 -8.46 38.05 -13.30
CA PHE F 120 -8.16 36.70 -13.72
C PHE F 120 -9.28 35.76 -13.29
N PRO F 121 -9.79 34.92 -14.19
CA PRO F 121 -10.96 34.09 -13.86
C PRO F 121 -10.65 33.05 -12.79
N PHE F 122 -11.52 32.98 -11.78
CA PHE F 122 -11.44 31.99 -10.71
C PHE F 122 -12.80 31.35 -10.52
N VAL F 123 -12.80 30.13 -10.00
CA VAL F 123 -14.03 29.42 -9.62
C VAL F 123 -13.73 28.59 -8.38
N VAL F 124 -14.59 28.70 -7.36
CA VAL F 124 -14.45 27.93 -6.14
C VAL F 124 -15.45 26.78 -6.18
N LEU F 125 -15.00 25.57 -5.84
CA LEU F 125 -15.83 24.37 -5.89
C LEU F 125 -15.90 23.72 -4.52
N GLY F 126 -17.12 23.41 -4.07
CA GLY F 126 -17.31 22.65 -2.85
C GLY F 126 -17.84 21.26 -3.13
N ILE F 127 -17.13 20.24 -2.68
CA ILE F 127 -17.52 18.85 -2.94
C ILE F 127 -18.34 18.34 -1.78
N LYS F 128 -19.49 17.73 -2.07
CA LYS F 128 -20.31 17.10 -1.05
C LYS F 128 -20.17 15.58 -1.09
N LYS F 135 -23.72 16.25 6.47
CA LYS F 135 -22.93 16.85 7.55
C LYS F 135 -21.72 17.59 6.99
N ARG F 136 -21.82 18.90 6.89
CA ARG F 136 -20.74 19.75 6.40
C ARG F 136 -20.34 20.76 7.46
N VAL F 137 -19.07 21.15 7.44
CA VAL F 137 -18.55 22.10 8.42
C VAL F 137 -18.62 23.53 7.91
N ILE F 138 -18.34 23.72 6.62
CA ILE F 138 -18.33 25.05 6.01
C ILE F 138 -19.71 25.28 5.38
N SER F 139 -20.40 26.32 5.84
CA SER F 139 -21.71 26.61 5.29
C SER F 139 -21.61 27.26 3.91
N THR F 140 -22.71 27.16 3.15
CA THR F 140 -22.74 27.73 1.81
C THR F 140 -22.53 29.24 1.83
N LYS F 141 -23.17 29.93 2.77
CA LYS F 141 -23.02 31.38 2.86
C LYS F 141 -21.61 31.78 3.27
N ARG F 142 -20.99 31.02 4.18
CA ARG F 142 -19.61 31.30 4.58
C ARG F 142 -18.64 31.10 3.43
N ALA F 143 -18.95 30.17 2.50
CA ALA F 143 -18.14 30.01 1.31
C ALA F 143 -18.35 31.18 0.34
N GLN F 144 -19.57 31.71 0.29
CA GLN F 144 -19.84 32.86 -0.56
C GLN F 144 -19.17 34.13 -0.04
N THR F 145 -18.96 34.21 1.28
CA THR F 145 -18.28 35.37 1.85
C THR F 145 -16.84 35.47 1.34
N PHE F 146 -16.16 34.32 1.20
CA PHE F 146 -14.84 34.32 0.57
C PHE F 146 -14.93 34.62 -0.92
N CYS F 147 -15.94 34.07 -1.59
CA CYS F 147 -16.12 34.35 -3.02
C CYS F 147 -16.38 35.83 -3.28
N GLN F 148 -17.29 36.42 -2.50
CA GLN F 148 -17.58 37.86 -2.63
C GLN F 148 -16.38 38.72 -2.25
N SER F 149 -15.54 38.26 -1.30
CA SER F 149 -14.38 39.05 -0.90
C SER F 149 -13.37 39.17 -2.03
N LYS F 150 -13.21 38.11 -2.83
CA LYS F 150 -12.23 38.10 -3.93
C LYS F 150 -12.87 38.43 -5.26
N GLY F 151 -13.62 39.54 -5.32
CA GLY F 151 -14.16 40.02 -6.57
C GLY F 151 -15.34 39.24 -7.11
N GLY F 152 -16.04 38.49 -6.27
CA GLY F 152 -17.20 37.74 -6.72
C GLY F 152 -16.85 36.53 -7.54
N ILE F 153 -16.08 35.62 -6.95
CA ILE F 153 -15.70 34.38 -7.65
C ILE F 153 -16.92 33.47 -7.76
N PRO F 154 -17.23 32.93 -8.95
CA PRO F 154 -18.35 31.99 -9.06
C PRO F 154 -18.12 30.73 -8.24
N TYR F 155 -19.16 30.32 -7.51
CA TYR F 155 -19.11 29.18 -6.60
C TYR F 155 -20.09 28.12 -7.08
N PHE F 156 -19.64 26.87 -7.10
CA PHE F 156 -20.47 25.74 -7.51
C PHE F 156 -20.24 24.58 -6.56
N GLU F 157 -21.26 23.73 -6.41
CA GLU F 157 -21.17 22.55 -5.56
C GLU F 157 -21.52 21.30 -6.35
N THR F 158 -20.85 20.20 -6.02
CA THR F 158 -21.02 18.93 -6.70
C THR F 158 -20.63 17.81 -5.74
N SER F 159 -20.80 16.57 -6.17
CA SER F 159 -20.40 15.42 -5.36
C SER F 159 -19.48 14.46 -6.11
N ASN F 165 -23.08 19.88 -11.12
CA ASN F 165 -22.76 21.26 -11.50
C ASN F 165 -21.39 21.35 -12.15
N VAL F 166 -20.68 20.22 -12.22
CA VAL F 166 -19.34 20.22 -12.78
C VAL F 166 -19.36 20.71 -14.22
N GLU F 167 -20.27 20.17 -15.03
CA GLU F 167 -20.36 20.59 -16.42
C GLU F 167 -20.72 22.07 -16.53
N GLU F 168 -21.62 22.55 -15.66
CA GLU F 168 -22.00 23.95 -15.68
C GLU F 168 -20.91 24.85 -15.11
N ALA F 169 -20.15 24.36 -14.13
CA ALA F 169 -19.11 25.18 -13.52
C ALA F 169 -18.01 25.52 -14.51
N PHE F 170 -17.69 24.61 -15.44
CA PHE F 170 -16.60 24.84 -16.38
C PHE F 170 -17.04 25.69 -17.57
N GLN F 171 -18.31 25.64 -17.96
CA GLN F 171 -18.81 26.53 -18.99
C GLN F 171 -18.78 27.98 -18.53
N VAL F 172 -18.95 28.22 -17.23
CA VAL F 172 -18.91 29.58 -16.70
C VAL F 172 -17.49 30.14 -16.74
N ILE F 173 -16.51 29.35 -16.29
CA ILE F 173 -15.14 29.85 -16.24
C ILE F 173 -14.57 29.98 -17.65
N ALA F 174 -15.01 29.14 -18.59
CA ALA F 174 -14.58 29.28 -19.98
C ALA F 174 -15.19 30.53 -20.61
N ARG F 175 -16.46 30.80 -20.34
CA ARG F 175 -17.09 31.98 -20.89
C ARG F 175 -16.45 33.26 -20.36
N ASN F 176 -16.14 33.31 -19.06
CA ASN F 176 -15.58 34.52 -18.47
C ASN F 176 -14.13 34.77 -18.87
N ALA F 177 -13.39 33.71 -19.19
CA ALA F 177 -12.00 33.90 -19.61
C ALA F 177 -11.91 34.53 -21.00
N LEU F 178 -12.84 34.19 -21.89
CA LEU F 178 -12.80 34.66 -23.26
C LEU F 178 -13.11 36.15 -23.39
N MET F 179 -13.70 36.77 -22.37
CA MET F 179 -13.96 38.21 -22.43
C MET F 179 -12.66 39.01 -22.46
N GLN F 180 -11.61 38.53 -21.78
CA GLN F 180 -10.34 39.23 -21.75
C GLN F 180 -9.64 39.23 -23.11
S SO4 G . -2.64 -15.53 -2.74
O1 SO4 G . -3.86 -15.49 -1.97
O2 SO4 G . -2.36 -16.92 -3.13
O3 SO4 G . -2.81 -14.70 -3.93
O4 SO4 G . -1.51 -15.04 -1.95
S SO4 H . -5.84 -39.14 -1.84
O1 SO4 H . -7.22 -39.52 -1.59
O2 SO4 H . -5.16 -38.83 -0.59
O3 SO4 H . -5.81 -37.98 -2.72
O4 SO4 H . -5.12 -40.25 -2.48
S SO4 I . -7.74 14.85 -4.76
O1 SO4 I . -8.11 13.70 -3.95
O2 SO4 I . -6.92 15.75 -3.95
O3 SO4 I . -8.96 15.55 -5.24
O4 SO4 I . -6.95 14.37 -5.89
#